data_2MD5
#
_entry.id   2MD5
#
_entity_poly.entity_id   1
_entity_poly.type   'polypeptide(L)'
_entity_poly.pdbx_seq_one_letter_code
;GSHMGRIADSRLLWDYVYQLLSDSRYENFIRWEDKESKIFRIVDPNGLARLWGNHKNRTNMTYEKMSRALRHYYKLNIIR
KEPGQRLLFRFMKTPDEIMSGR
;
_entity_poly.pdbx_strand_id   A
#
# COMPACT_ATOMS: atom_id res chain seq x y z
N GLY A 1 28.62 1.50 19.66
CA GLY A 1 27.32 0.80 19.53
C GLY A 1 26.31 1.58 18.70
N SER A 2 26.21 2.87 18.96
CA SER A 2 25.24 3.72 18.28
C SER A 2 25.72 4.18 16.92
N HIS A 3 25.14 3.58 15.87
CA HIS A 3 25.41 3.96 14.49
C HIS A 3 24.33 3.38 13.60
N MET A 4 24.44 3.57 12.28
CA MET A 4 23.44 3.06 11.35
C MET A 4 23.39 1.54 11.38
N GLY A 5 22.29 1.01 11.87
CA GLY A 5 22.13 -0.42 11.97
C GLY A 5 21.15 -0.97 10.95
N ARG A 6 20.10 -0.21 10.67
CA ARG A 6 19.09 -0.64 9.71
C ARG A 6 18.94 0.37 8.57
N ILE A 7 19.46 0.02 7.41
CA ILE A 7 19.26 0.83 6.20
C ILE A 7 18.43 0.04 5.20
N ALA A 8 17.15 0.39 5.11
CA ALA A 8 16.22 -0.32 4.26
C ALA A 8 15.55 0.62 3.26
N ASP A 9 15.51 0.21 2.00
CA ASP A 9 14.94 1.03 0.94
C ASP A 9 13.42 0.91 0.93
N SER A 10 12.75 1.87 0.29
CA SER A 10 11.30 1.87 0.24
C SER A 10 10.81 1.31 -1.11
N ARG A 11 9.51 1.12 -1.23
CA ARG A 11 8.95 0.55 -2.45
C ARG A 11 8.01 1.54 -3.12
N LEU A 12 7.78 1.34 -4.42
CA LEU A 12 6.92 2.22 -5.20
C LEU A 12 5.46 1.74 -5.16
N LEU A 13 5.22 0.70 -4.35
CA LEU A 13 3.90 0.06 -4.26
C LEU A 13 2.78 1.09 -4.04
N TRP A 14 3.02 2.05 -3.15
CA TRP A 14 2.00 3.03 -2.78
C TRP A 14 1.46 3.80 -3.99
N ASP A 15 2.34 4.08 -4.96
CA ASP A 15 1.95 4.84 -6.13
C ASP A 15 1.03 4.05 -7.04
N TYR A 16 1.41 2.80 -7.30
CA TYR A 16 0.63 1.94 -8.17
C TYR A 16 -0.73 1.66 -7.55
N VAL A 17 -0.75 1.56 -6.22
CA VAL A 17 -2.00 1.39 -5.49
C VAL A 17 -2.89 2.61 -5.68
N TYR A 18 -2.31 3.80 -5.50
CA TYR A 18 -3.05 5.04 -5.69
C TYR A 18 -3.53 5.16 -7.15
N GLN A 19 -2.67 4.75 -8.07
CA GLN A 19 -3.02 4.77 -9.49
C GLN A 19 -4.26 3.91 -9.74
N LEU A 20 -4.27 2.72 -9.15
CA LEU A 20 -5.41 1.82 -9.26
C LEU A 20 -6.63 2.37 -8.52
N LEU A 21 -6.39 3.10 -7.45
CA LEU A 21 -7.47 3.73 -6.70
C LEU A 21 -8.14 4.82 -7.51
N SER A 22 -7.36 5.50 -8.34
CA SER A 22 -7.87 6.59 -9.17
C SER A 22 -8.74 6.02 -10.29
N ASP A 23 -8.33 4.89 -10.85
CA ASP A 23 -9.13 4.20 -11.85
C ASP A 23 -9.54 2.83 -11.33
N SER A 24 -10.28 2.83 -10.24
CA SER A 24 -10.67 1.60 -9.57
C SER A 24 -12.00 1.10 -10.08
N ARG A 25 -12.68 1.94 -10.84
CA ARG A 25 -14.05 1.67 -11.30
C ARG A 25 -14.15 0.37 -12.11
N TYR A 26 -13.09 0.01 -12.84
CA TYR A 26 -13.15 -1.19 -13.66
C TYR A 26 -12.41 -2.35 -12.98
N GLU A 27 -11.71 -2.04 -11.90
CA GLU A 27 -10.93 -3.04 -11.18
C GLU A 27 -11.73 -3.62 -10.02
N ASN A 28 -12.20 -2.74 -9.13
CA ASN A 28 -12.97 -3.11 -7.95
C ASN A 28 -12.21 -4.10 -7.05
N PHE A 29 -10.90 -4.18 -7.21
CA PHE A 29 -10.08 -5.01 -6.35
C PHE A 29 -9.80 -4.27 -5.04
N ILE A 30 -9.82 -2.96 -5.14
CA ILE A 30 -9.57 -2.08 -4.01
C ILE A 30 -10.18 -0.71 -4.27
N ARG A 31 -10.81 -0.14 -3.25
CA ARG A 31 -11.31 1.22 -3.34
C ARG A 31 -11.28 1.88 -1.98
N TRP A 32 -11.50 3.19 -1.95
CA TRP A 32 -11.53 3.94 -0.70
C TRP A 32 -12.74 3.51 0.12
N GLU A 33 -12.52 3.20 1.39
CA GLU A 33 -13.60 2.91 2.30
C GLU A 33 -14.02 4.19 3.00
N ASP A 34 -13.06 5.11 3.10
CA ASP A 34 -13.29 6.44 3.62
C ASP A 34 -12.23 7.38 3.07
N LYS A 35 -12.64 8.30 2.19
CA LYS A 35 -11.71 9.16 1.49
C LYS A 35 -11.00 10.13 2.44
N GLU A 36 -11.76 10.85 3.24
CA GLU A 36 -11.20 11.89 4.09
C GLU A 36 -10.44 11.32 5.28
N SER A 37 -10.82 10.14 5.74
CA SER A 37 -10.13 9.51 6.84
C SER A 37 -8.92 8.70 6.34
N LYS A 38 -8.73 8.72 5.02
CA LYS A 38 -7.58 8.07 4.39
C LYS A 38 -7.62 6.56 4.60
N ILE A 39 -8.81 6.00 4.63
CA ILE A 39 -8.97 4.57 4.87
C ILE A 39 -9.40 3.86 3.57
N PHE A 40 -8.62 2.89 3.16
CA PHE A 40 -8.97 2.11 1.97
C PHE A 40 -9.13 0.64 2.37
N ARG A 41 -9.97 -0.07 1.63
CA ARG A 41 -10.26 -1.45 1.94
C ARG A 41 -9.91 -2.36 0.77
N ILE A 42 -9.18 -3.43 1.07
CA ILE A 42 -8.82 -4.40 0.06
C ILE A 42 -9.99 -5.34 -0.19
N VAL A 43 -10.49 -5.33 -1.41
CA VAL A 43 -11.62 -6.17 -1.77
C VAL A 43 -11.12 -7.53 -2.23
N ASP A 44 -10.11 -7.52 -3.08
CA ASP A 44 -9.51 -8.75 -3.56
C ASP A 44 -7.99 -8.63 -3.55
N PRO A 45 -7.34 -9.26 -2.57
CA PRO A 45 -5.88 -9.23 -2.42
C PRO A 45 -5.16 -9.94 -3.57
N ASN A 46 -5.86 -10.89 -4.18
CA ASN A 46 -5.28 -11.68 -5.26
C ASN A 46 -5.15 -10.85 -6.52
N GLY A 47 -6.23 -10.18 -6.91
CA GLY A 47 -6.20 -9.34 -8.08
C GLY A 47 -5.19 -8.21 -7.95
N LEU A 48 -5.15 -7.59 -6.76
CA LEU A 48 -4.22 -6.51 -6.50
C LEU A 48 -2.77 -6.96 -6.69
N ALA A 49 -2.45 -8.10 -6.09
CA ALA A 49 -1.11 -8.67 -6.20
C ALA A 49 -0.81 -9.10 -7.63
N ARG A 50 -1.83 -9.62 -8.30
CA ARG A 50 -1.68 -10.07 -9.67
C ARG A 50 -1.31 -8.90 -10.59
N LEU A 51 -1.95 -7.76 -10.36
CA LEU A 51 -1.67 -6.56 -11.16
C LEU A 51 -0.24 -6.10 -10.95
N TRP A 52 0.23 -6.18 -9.71
CA TRP A 52 1.60 -5.81 -9.38
C TRP A 52 2.58 -6.76 -10.08
N GLY A 53 2.27 -8.05 -10.02
CA GLY A 53 3.09 -9.04 -10.69
C GLY A 53 3.08 -8.87 -12.19
N ASN A 54 1.91 -8.60 -12.75
CA ASN A 54 1.77 -8.40 -14.19
C ASN A 54 2.59 -7.21 -14.66
N HIS A 55 2.48 -6.11 -13.93
CA HIS A 55 3.12 -4.86 -14.34
C HIS A 55 4.64 -4.94 -14.23
N LYS A 56 5.13 -5.75 -13.30
CA LYS A 56 6.57 -5.94 -13.16
C LYS A 56 7.01 -7.19 -13.90
N ASN A 57 6.08 -7.79 -14.63
CA ASN A 57 6.33 -8.95 -15.49
C ASN A 57 6.96 -10.10 -14.71
N ARG A 58 6.31 -10.52 -13.64
CA ARG A 58 6.75 -11.69 -12.90
C ARG A 58 5.56 -12.61 -12.60
N THR A 59 5.78 -13.90 -12.77
CA THR A 59 4.74 -14.88 -12.55
C THR A 59 4.63 -15.27 -11.08
N ASN A 60 3.46 -15.78 -10.70
CA ASN A 60 3.18 -16.21 -9.32
C ASN A 60 3.48 -15.11 -8.31
N MET A 61 2.58 -14.15 -8.22
CA MET A 61 2.68 -13.09 -7.23
C MET A 61 1.38 -13.03 -6.44
N THR A 62 1.47 -13.20 -5.13
CA THR A 62 0.30 -13.25 -4.28
C THR A 62 0.44 -12.30 -3.09
N TYR A 63 -0.69 -12.04 -2.42
CA TYR A 63 -0.76 -11.10 -1.32
C TYR A 63 0.16 -11.54 -0.17
N GLU A 64 0.44 -12.84 -0.09
CA GLU A 64 1.35 -13.38 0.92
C GLU A 64 2.68 -12.67 0.86
N LYS A 65 3.22 -12.55 -0.35
CA LYS A 65 4.50 -11.90 -0.58
C LYS A 65 4.36 -10.38 -0.44
N MET A 66 3.23 -9.85 -0.90
CA MET A 66 2.96 -8.42 -0.82
C MET A 66 2.92 -7.96 0.63
N SER A 67 2.35 -8.78 1.50
CA SER A 67 2.24 -8.47 2.93
C SER A 67 3.60 -8.14 3.54
N ARG A 68 4.67 -8.76 3.03
CA ARG A 68 6.01 -8.48 3.52
C ARG A 68 6.40 -7.03 3.27
N ALA A 69 5.96 -6.48 2.14
CA ALA A 69 6.24 -5.10 1.80
C ALA A 69 5.41 -4.17 2.68
N LEU A 70 4.17 -4.56 2.95
CA LEU A 70 3.30 -3.79 3.83
C LEU A 70 3.87 -3.71 5.24
N ARG A 71 4.56 -4.77 5.65
CA ARG A 71 5.20 -4.80 6.97
C ARG A 71 6.23 -3.68 7.07
N HIS A 72 6.87 -3.37 5.94
CA HIS A 72 7.83 -2.29 5.86
C HIS A 72 7.13 -0.93 6.01
N TYR A 73 5.91 -0.85 5.50
CA TYR A 73 5.13 0.39 5.56
C TYR A 73 4.59 0.63 6.97
N TYR A 74 4.32 -0.45 7.70
CA TYR A 74 3.77 -0.35 9.06
C TYR A 74 4.78 0.31 9.99
N LYS A 75 6.02 -0.18 9.95
CA LYS A 75 7.06 0.28 10.87
C LYS A 75 7.47 1.72 10.57
N LEU A 76 7.20 2.19 9.37
CA LEU A 76 7.52 3.57 9.00
C LEU A 76 6.32 4.48 9.23
N ASN A 77 5.24 3.91 9.75
CA ASN A 77 4.01 4.64 10.05
C ASN A 77 3.39 5.21 8.78
N ILE A 78 3.51 4.48 7.69
CA ILE A 78 2.88 4.87 6.45
C ILE A 78 1.51 4.23 6.33
N ILE A 79 1.48 2.91 6.40
CA ILE A 79 0.23 2.16 6.34
C ILE A 79 -0.15 1.66 7.72
N ARG A 80 -1.41 1.83 8.08
CA ARG A 80 -1.90 1.40 9.38
C ARG A 80 -3.03 0.39 9.24
N LYS A 81 -3.10 -0.52 10.20
CA LYS A 81 -4.24 -1.40 10.35
C LYS A 81 -4.99 -0.99 11.60
N GLU A 82 -6.11 -0.31 11.44
CA GLU A 82 -6.83 0.25 12.57
C GLU A 82 -7.39 -0.85 13.47
N PRO A 83 -7.20 -0.70 14.80
CA PRO A 83 -7.58 -1.71 15.80
C PRO A 83 -9.01 -2.22 15.62
N GLY A 84 -9.14 -3.52 15.38
CA GLY A 84 -10.43 -4.12 15.18
C GLY A 84 -10.67 -4.47 13.72
N GLN A 85 -9.90 -3.85 12.84
CA GLN A 85 -10.02 -4.09 11.41
C GLN A 85 -8.72 -4.66 10.86
N ARG A 86 -8.80 -5.77 10.13
CA ARG A 86 -7.61 -6.39 9.58
C ARG A 86 -7.49 -6.11 8.08
N LEU A 87 -8.63 -5.93 7.42
CA LEU A 87 -8.65 -5.74 5.98
C LEU A 87 -8.80 -4.26 5.62
N LEU A 88 -8.82 -3.43 6.65
CA LEU A 88 -8.87 -1.99 6.48
C LEU A 88 -7.49 -1.40 6.70
N PHE A 89 -7.04 -0.63 5.73
CA PHE A 89 -5.74 0.00 5.81
C PHE A 89 -5.88 1.51 5.73
N ARG A 90 -5.19 2.20 6.61
CA ARG A 90 -5.30 3.64 6.71
C ARG A 90 -3.95 4.31 6.49
N PHE A 91 -3.94 5.41 5.75
CA PHE A 91 -2.72 6.18 5.56
C PHE A 91 -2.44 7.04 6.77
N MET A 92 -1.34 6.77 7.46
CA MET A 92 -0.90 7.64 8.54
C MET A 92 -0.05 8.75 7.95
N LYS A 93 0.79 8.37 6.99
CA LYS A 93 1.51 9.33 6.18
C LYS A 93 0.74 9.51 4.88
N THR A 94 0.65 10.73 4.39
CA THR A 94 -0.25 11.02 3.30
C THR A 94 0.51 11.47 2.05
N PRO A 95 0.02 11.09 0.85
CA PRO A 95 0.65 11.44 -0.43
C PRO A 95 0.64 12.94 -0.70
N ASP A 96 -0.17 13.67 0.04
CA ASP A 96 -0.24 15.13 -0.06
C ASP A 96 1.16 15.74 0.06
N GLU A 97 1.96 15.15 0.95
CA GLU A 97 3.33 15.61 1.20
C GLU A 97 4.18 15.47 -0.07
N ILE A 98 3.90 14.43 -0.85
CA ILE A 98 4.66 14.18 -2.06
C ILE A 98 4.27 15.17 -3.16
N MET A 99 2.97 15.29 -3.41
CA MET A 99 2.47 16.18 -4.45
C MET A 99 2.88 17.63 -4.19
N SER A 100 2.67 18.10 -2.98
CA SER A 100 2.97 19.48 -2.64
C SER A 100 4.42 19.63 -2.17
N GLY A 101 5.14 18.52 -2.13
CA GLY A 101 6.52 18.56 -1.70
C GLY A 101 7.47 18.65 -2.87
N ARG A 102 7.11 18.00 -3.97
CA ARG A 102 7.92 18.00 -5.17
C ARG A 102 7.71 19.29 -5.95
N GLY A 1 24.74 14.40 -0.10
CA GLY A 1 25.18 14.14 1.30
C GLY A 1 24.73 12.78 1.78
N SER A 2 24.73 12.60 3.10
CA SER A 2 24.35 11.35 3.70
C SER A 2 22.85 11.27 3.94
N HIS A 3 22.21 10.29 3.32
CA HIS A 3 20.78 10.03 3.51
C HIS A 3 20.52 8.54 3.31
N MET A 4 19.25 8.17 3.17
CA MET A 4 18.89 6.77 2.94
C MET A 4 19.46 6.28 1.62
N GLY A 5 20.51 5.47 1.69
CA GLY A 5 21.16 4.98 0.49
C GLY A 5 20.60 3.65 0.02
N ARG A 6 20.84 2.60 0.80
CA ARG A 6 20.38 1.26 0.44
C ARG A 6 18.86 1.14 0.55
N ILE A 7 18.18 1.47 -0.54
CA ILE A 7 16.73 1.33 -0.61
C ILE A 7 16.36 0.24 -1.60
N ALA A 8 16.00 -0.93 -1.07
CA ALA A 8 15.58 -2.05 -1.89
C ALA A 8 14.09 -1.99 -2.14
N ASP A 9 13.55 -3.01 -2.79
CA ASP A 9 12.11 -3.07 -3.07
C ASP A 9 11.33 -3.25 -1.78
N SER A 10 10.75 -2.17 -1.29
CA SER A 10 9.98 -2.19 -0.06
C SER A 10 8.87 -1.15 -0.12
N ARG A 11 9.25 0.11 -0.22
CA ARG A 11 8.29 1.21 -0.26
C ARG A 11 8.00 1.60 -1.72
N LEU A 12 7.92 0.59 -2.58
CA LEU A 12 7.60 0.79 -3.99
C LEU A 12 6.13 0.47 -4.23
N LEU A 13 5.52 -0.22 -3.26
CA LEU A 13 4.17 -0.74 -3.41
C LEU A 13 3.13 0.37 -3.47
N TRP A 14 3.33 1.45 -2.71
CA TRP A 14 2.33 2.52 -2.60
C TRP A 14 2.06 3.14 -3.97
N ASP A 15 3.05 3.16 -4.84
CA ASP A 15 2.90 3.70 -6.18
C ASP A 15 1.86 2.91 -6.97
N TYR A 16 2.03 1.60 -6.98
CA TYR A 16 1.13 0.72 -7.71
C TYR A 16 -0.28 0.81 -7.12
N VAL A 17 -0.35 0.86 -5.79
CA VAL A 17 -1.61 0.95 -5.08
C VAL A 17 -2.32 2.28 -5.38
N TYR A 18 -1.57 3.38 -5.31
CA TYR A 18 -2.15 4.71 -5.50
C TYR A 18 -2.74 4.85 -6.90
N GLN A 19 -2.08 4.27 -7.90
CA GLN A 19 -2.58 4.32 -9.27
C GLN A 19 -3.93 3.63 -9.37
N LEU A 20 -4.05 2.48 -8.71
CA LEU A 20 -5.30 1.73 -8.72
C LEU A 20 -6.36 2.46 -7.89
N LEU A 21 -5.92 3.16 -6.87
CA LEU A 21 -6.80 3.95 -6.02
C LEU A 21 -7.32 5.17 -6.78
N SER A 22 -6.49 5.70 -7.66
CA SER A 22 -6.85 6.87 -8.45
C SER A 22 -7.79 6.49 -9.58
N ASP A 23 -7.55 5.32 -10.17
CA ASP A 23 -8.40 4.83 -11.26
C ASP A 23 -8.78 3.38 -11.00
N SER A 24 -9.89 3.19 -10.31
CA SER A 24 -10.33 1.87 -9.88
C SER A 24 -11.35 1.28 -10.85
N ARG A 25 -11.81 2.09 -11.80
CA ARG A 25 -12.91 1.73 -12.69
C ARG A 25 -12.71 0.37 -13.37
N TYR A 26 -11.48 0.05 -13.73
CA TYR A 26 -11.22 -1.16 -14.52
C TYR A 26 -10.70 -2.29 -13.64
N GLU A 27 -10.28 -1.96 -12.43
CA GLU A 27 -9.71 -2.96 -11.54
C GLU A 27 -10.76 -3.52 -10.60
N ASN A 28 -11.37 -2.62 -9.82
CA ASN A 28 -12.33 -3.00 -8.78
C ASN A 28 -11.70 -3.96 -7.76
N PHE A 29 -10.38 -3.99 -7.71
CA PHE A 29 -9.67 -4.84 -6.75
C PHE A 29 -9.40 -4.08 -5.47
N ILE A 30 -9.21 -2.77 -5.59
CA ILE A 30 -8.96 -1.91 -4.44
C ILE A 30 -9.28 -0.46 -4.78
N ARG A 31 -10.05 0.20 -3.90
CA ARG A 31 -10.30 1.63 -4.06
C ARG A 31 -10.51 2.28 -2.69
N TRP A 32 -10.66 3.60 -2.68
CA TRP A 32 -10.82 4.36 -1.44
C TRP A 32 -12.15 4.06 -0.78
N GLU A 33 -12.12 3.92 0.54
CA GLU A 33 -13.32 3.96 1.35
C GLU A 33 -13.56 5.39 1.79
N ASP A 34 -12.46 6.12 1.89
CA ASP A 34 -12.51 7.53 2.26
C ASP A 34 -11.25 8.23 1.75
N LYS A 35 -11.39 8.92 0.63
CA LYS A 35 -10.28 9.63 0.01
C LYS A 35 -9.65 10.64 0.97
N GLU A 36 -10.48 11.46 1.59
CA GLU A 36 -10.00 12.56 2.42
C GLU A 36 -9.34 12.06 3.70
N SER A 37 -9.83 10.96 4.24
CA SER A 37 -9.28 10.41 5.47
C SER A 37 -8.16 9.41 5.20
N LYS A 38 -7.75 9.30 3.94
CA LYS A 38 -6.67 8.40 3.53
C LYS A 38 -7.02 6.94 3.85
N ILE A 39 -8.26 6.56 3.57
CA ILE A 39 -8.73 5.22 3.87
C ILE A 39 -9.02 4.43 2.59
N PHE A 40 -8.34 3.30 2.41
CA PHE A 40 -8.57 2.45 1.26
C PHE A 40 -8.93 1.03 1.71
N ARG A 41 -9.64 0.30 0.87
CA ARG A 41 -10.16 -1.01 1.23
C ARG A 41 -9.75 -2.04 0.19
N ILE A 42 -9.14 -3.12 0.66
CA ILE A 42 -8.78 -4.23 -0.21
C ILE A 42 -10.04 -5.00 -0.60
N VAL A 43 -10.49 -4.84 -1.84
CA VAL A 43 -11.71 -5.49 -2.29
C VAL A 43 -11.42 -6.94 -2.65
N ASP A 44 -10.27 -7.18 -3.27
CA ASP A 44 -9.87 -8.54 -3.62
C ASP A 44 -8.38 -8.75 -3.39
N PRO A 45 -8.02 -9.59 -2.41
CA PRO A 45 -6.62 -9.86 -2.04
C PRO A 45 -5.88 -10.61 -3.15
N ASN A 46 -6.56 -11.52 -3.83
CA ASN A 46 -5.93 -12.34 -4.85
C ASN A 46 -5.59 -11.50 -6.08
N GLY A 47 -6.54 -10.66 -6.49
CA GLY A 47 -6.34 -9.80 -7.63
C GLY A 47 -5.15 -8.88 -7.45
N LEU A 48 -5.09 -8.23 -6.29
CA LEU A 48 -4.03 -7.26 -6.02
C LEU A 48 -2.66 -7.94 -5.99
N ALA A 49 -2.57 -9.09 -5.34
CA ALA A 49 -1.34 -9.84 -5.24
C ALA A 49 -0.88 -10.31 -6.62
N ARG A 50 -1.84 -10.71 -7.43
CA ARG A 50 -1.56 -11.16 -8.80
C ARG A 50 -0.94 -10.04 -9.61
N LEU A 51 -1.46 -8.83 -9.44
CA LEU A 51 -1.02 -7.67 -10.19
C LEU A 51 0.39 -7.26 -9.79
N TRP A 52 0.67 -7.28 -8.49
CA TRP A 52 1.98 -6.91 -7.98
C TRP A 52 3.05 -7.86 -8.48
N GLY A 53 2.70 -9.15 -8.51
CA GLY A 53 3.61 -10.15 -9.03
C GLY A 53 3.99 -9.88 -10.47
N ASN A 54 3.00 -9.55 -11.29
CA ASN A 54 3.22 -9.27 -12.71
C ASN A 54 4.14 -8.05 -12.88
N HIS A 55 4.02 -7.09 -11.98
CA HIS A 55 4.79 -5.85 -12.07
C HIS A 55 6.28 -6.13 -11.89
N LYS A 56 6.62 -7.10 -11.05
CA LYS A 56 8.01 -7.46 -10.82
C LYS A 56 8.39 -8.74 -11.55
N ASN A 57 7.49 -9.19 -12.44
CA ASN A 57 7.74 -10.38 -13.27
C ASN A 57 7.96 -11.62 -12.39
N ARG A 58 7.35 -11.60 -11.22
CA ARG A 58 7.52 -12.68 -10.26
C ARG A 58 6.25 -13.52 -10.18
N THR A 59 6.39 -14.80 -10.46
CA THR A 59 5.26 -15.70 -10.52
C THR A 59 4.97 -16.33 -9.16
N ASN A 60 3.77 -16.91 -9.03
CA ASN A 60 3.39 -17.69 -7.85
C ASN A 60 3.38 -16.83 -6.59
N MET A 61 3.03 -15.56 -6.74
CA MET A 61 2.92 -14.67 -5.60
C MET A 61 1.59 -14.87 -4.87
N THR A 62 1.66 -14.88 -3.55
CA THR A 62 0.48 -15.00 -2.72
C THR A 62 0.40 -13.80 -1.77
N TYR A 63 -0.74 -13.64 -1.09
CA TYR A 63 -1.04 -12.42 -0.34
C TYR A 63 -0.02 -12.14 0.77
N GLU A 64 0.43 -13.18 1.47
CA GLU A 64 1.33 -13.00 2.61
C GLU A 64 2.66 -12.37 2.19
N LYS A 65 3.05 -12.58 0.94
CA LYS A 65 4.26 -11.96 0.42
C LYS A 65 4.11 -10.45 0.48
N MET A 66 2.96 -9.97 0.02
CA MET A 66 2.65 -8.55 0.06
C MET A 66 2.40 -8.09 1.50
N SER A 67 1.73 -8.93 2.28
CA SER A 67 1.41 -8.61 3.67
C SER A 67 2.69 -8.37 4.48
N ARG A 68 3.71 -9.19 4.22
CA ARG A 68 4.99 -9.03 4.91
C ARG A 68 5.71 -7.78 4.42
N ALA A 69 5.57 -7.48 3.14
CA ALA A 69 6.13 -6.24 2.59
C ALA A 69 5.50 -5.02 3.25
N LEU A 70 4.19 -5.09 3.46
CA LEU A 70 3.45 -4.01 4.11
C LEU A 70 3.80 -3.89 5.59
N ARG A 71 4.33 -4.95 6.16
CA ARG A 71 4.66 -4.97 7.59
C ARG A 71 5.70 -3.90 7.91
N HIS A 72 6.52 -3.57 6.93
CA HIS A 72 7.56 -2.57 7.08
C HIS A 72 6.95 -1.18 7.32
N TYR A 73 5.73 -1.00 6.83
CA TYR A 73 5.05 0.30 6.92
C TYR A 73 4.52 0.54 8.33
N TYR A 74 4.24 -0.53 9.07
CA TYR A 74 3.69 -0.41 10.42
C TYR A 74 4.72 0.18 11.38
N LYS A 75 5.97 -0.26 11.22
CA LYS A 75 7.06 0.19 12.09
C LYS A 75 7.38 1.66 11.83
N LEU A 76 6.99 2.15 10.66
CA LEU A 76 7.25 3.53 10.30
C LEU A 76 6.04 4.41 10.57
N ASN A 77 4.96 3.77 11.04
CA ASN A 77 3.70 4.45 11.33
C ASN A 77 3.07 5.04 10.06
N ILE A 78 3.28 4.36 8.95
CA ILE A 78 2.67 4.77 7.69
C ILE A 78 1.31 4.11 7.53
N ILE A 79 1.29 2.79 7.65
CA ILE A 79 0.07 2.01 7.53
C ILE A 79 -0.46 1.63 8.90
N ARG A 80 -1.76 1.79 9.09
CA ARG A 80 -2.40 1.40 10.33
C ARG A 80 -3.77 0.82 10.01
N LYS A 81 -4.09 -0.32 10.61
CA LYS A 81 -5.34 -1.01 10.30
C LYS A 81 -6.45 -0.62 11.27
N GLU A 82 -7.64 -0.43 10.74
CA GLU A 82 -8.79 -0.04 11.55
C GLU A 82 -9.35 -1.24 12.32
N PRO A 83 -9.88 -0.99 13.52
CA PRO A 83 -10.46 -2.04 14.38
C PRO A 83 -11.68 -2.71 13.75
N GLY A 84 -11.67 -4.03 13.73
CA GLY A 84 -12.81 -4.77 13.24
C GLY A 84 -12.70 -5.10 11.76
N GLN A 85 -11.68 -4.58 11.11
CA GLN A 85 -11.50 -4.79 9.68
C GLN A 85 -10.18 -5.47 9.38
N ARG A 86 -10.25 -6.52 8.58
CA ARG A 86 -9.06 -7.30 8.21
C ARG A 86 -8.42 -6.77 6.93
N LEU A 87 -9.22 -6.12 6.09
CA LEU A 87 -8.76 -5.68 4.78
C LEU A 87 -8.79 -4.15 4.66
N LEU A 88 -8.79 -3.47 5.80
CA LEU A 88 -8.83 -2.02 5.80
C LEU A 88 -7.49 -1.46 6.27
N PHE A 89 -6.94 -0.56 5.49
CA PHE A 89 -5.68 0.09 5.85
C PHE A 89 -5.84 1.60 5.74
N ARG A 90 -5.32 2.33 6.71
CA ARG A 90 -5.38 3.78 6.70
C ARG A 90 -3.99 4.37 6.79
N PHE A 91 -3.71 5.37 5.97
CA PHE A 91 -2.45 6.10 6.05
C PHE A 91 -2.49 7.08 7.21
N MET A 92 -1.50 7.00 8.09
CA MET A 92 -1.42 7.91 9.22
C MET A 92 -0.91 9.27 8.77
N LYS A 93 0.10 9.25 7.91
CA LYS A 93 0.70 10.48 7.40
C LYS A 93 0.02 10.92 6.10
N THR A 94 0.38 12.11 5.63
CA THR A 94 -0.22 12.69 4.45
C THR A 94 0.86 13.33 3.58
N PRO A 95 0.66 13.39 2.25
CA PRO A 95 1.61 14.05 1.33
C PRO A 95 1.88 15.51 1.70
N ASP A 96 0.97 16.11 2.45
CA ASP A 96 1.11 17.50 2.91
C ASP A 96 2.39 17.67 3.72
N GLU A 97 2.81 16.61 4.40
CA GLU A 97 4.02 16.63 5.21
C GLU A 97 5.23 17.08 4.39
N ILE A 98 5.30 16.59 3.16
CA ILE A 98 6.43 16.88 2.29
C ILE A 98 6.44 18.35 1.89
N MET A 99 5.27 18.86 1.53
CA MET A 99 5.16 20.22 1.04
C MET A 99 5.26 21.22 2.18
N SER A 100 4.77 20.83 3.36
CA SER A 100 4.83 21.70 4.54
C SER A 100 6.29 21.93 4.95
N GLY A 101 7.14 20.95 4.65
CA GLY A 101 8.55 21.07 4.96
C GLY A 101 8.80 21.07 6.46
N ARG A 102 8.20 20.12 7.15
CA ARG A 102 8.35 20.02 8.59
C ARG A 102 9.07 18.74 8.97
N GLY A 1 13.58 13.16 -9.71
CA GLY A 1 12.65 12.62 -8.69
C GLY A 1 13.24 11.46 -7.91
N SER A 2 13.57 10.38 -8.61
CA SER A 2 14.13 9.20 -7.97
C SER A 2 15.60 9.43 -7.64
N HIS A 3 16.04 8.95 -6.49
CA HIS A 3 17.43 9.10 -6.08
C HIS A 3 18.06 7.75 -5.81
N MET A 4 19.38 7.71 -5.84
CA MET A 4 20.11 6.46 -5.67
C MET A 4 20.73 6.41 -4.28
N GLY A 5 21.33 7.52 -3.88
CA GLY A 5 21.99 7.59 -2.58
C GLY A 5 21.04 8.01 -1.49
N ARG A 6 20.13 7.11 -1.13
CA ARG A 6 19.19 7.36 -0.05
C ARG A 6 18.65 6.03 0.46
N ILE A 7 18.98 5.71 1.70
CA ILE A 7 18.59 4.43 2.28
C ILE A 7 17.17 4.48 2.82
N ALA A 8 16.29 3.69 2.23
CA ALA A 8 14.92 3.58 2.69
C ALA A 8 14.53 2.11 2.78
N ASP A 9 14.11 1.68 3.96
CA ASP A 9 13.75 0.28 4.18
C ASP A 9 12.32 0.00 3.73
N SER A 10 11.60 1.04 3.39
CA SER A 10 10.26 0.89 2.82
C SER A 10 10.36 0.82 1.30
N ARG A 11 10.24 -0.38 0.76
CA ARG A 11 10.42 -0.62 -0.67
C ARG A 11 9.17 -0.24 -1.47
N LEU A 12 9.14 -0.66 -2.73
CA LEU A 12 8.17 -0.18 -3.73
C LEU A 12 6.72 -0.57 -3.41
N LEU A 13 6.48 -1.23 -2.28
CA LEU A 13 5.14 -1.67 -1.94
C LEU A 13 4.19 -0.49 -1.74
N TRP A 14 4.61 0.51 -0.97
CA TRP A 14 3.76 1.64 -0.67
C TRP A 14 3.48 2.47 -1.92
N ASP A 15 4.46 2.51 -2.82
CA ASP A 15 4.31 3.22 -4.09
C ASP A 15 3.19 2.62 -4.91
N TYR A 16 3.20 1.31 -5.04
CA TYR A 16 2.22 0.61 -5.85
C TYR A 16 0.82 0.78 -5.27
N VAL A 17 0.72 0.82 -3.94
CA VAL A 17 -0.56 1.02 -3.28
C VAL A 17 -1.11 2.41 -3.60
N TYR A 18 -0.29 3.42 -3.40
CA TYR A 18 -0.69 4.81 -3.65
C TYR A 18 -0.96 5.02 -5.14
N GLN A 19 -0.17 4.33 -5.96
CA GLN A 19 -0.32 4.40 -7.40
C GLN A 19 -1.69 3.90 -7.84
N LEU A 20 -2.06 2.72 -7.34
CA LEU A 20 -3.35 2.12 -7.68
C LEU A 20 -4.51 2.91 -7.08
N LEU A 21 -4.27 3.53 -5.92
CA LEU A 21 -5.28 4.36 -5.28
C LEU A 21 -5.61 5.58 -6.14
N SER A 22 -4.67 5.98 -6.99
CA SER A 22 -4.88 7.09 -7.90
C SER A 22 -5.84 6.68 -9.00
N ASP A 23 -5.62 5.51 -9.57
CA ASP A 23 -6.42 5.04 -10.68
C ASP A 23 -7.14 3.74 -10.35
N SER A 24 -7.98 3.80 -9.33
CA SER A 24 -8.74 2.64 -8.89
C SER A 24 -10.00 2.48 -9.73
N ARG A 25 -10.19 3.39 -10.68
CA ARG A 25 -11.44 3.51 -11.41
C ARG A 25 -11.73 2.31 -12.31
N TYR A 26 -10.71 1.76 -12.95
CA TYR A 26 -10.93 0.68 -13.92
C TYR A 26 -10.59 -0.70 -13.33
N GLU A 27 -9.71 -0.73 -12.34
CA GLU A 27 -9.32 -1.98 -11.72
C GLU A 27 -10.38 -2.45 -10.72
N ASN A 28 -10.74 -1.55 -9.81
CA ASN A 28 -11.74 -1.83 -8.78
C ASN A 28 -11.33 -2.98 -7.86
N PHE A 29 -10.03 -3.28 -7.83
CA PHE A 29 -9.51 -4.32 -6.93
C PHE A 29 -9.18 -3.71 -5.59
N ILE A 30 -8.81 -2.44 -5.60
CA ILE A 30 -8.49 -1.71 -4.39
C ILE A 30 -8.85 -0.24 -4.58
N ARG A 31 -9.69 0.29 -3.71
CA ARG A 31 -10.08 1.69 -3.77
C ARG A 31 -10.38 2.24 -2.39
N TRP A 32 -10.47 3.56 -2.29
CA TRP A 32 -10.85 4.21 -1.04
C TRP A 32 -12.30 3.90 -0.72
N GLU A 33 -12.54 3.21 0.39
CA GLU A 33 -13.89 2.94 0.83
C GLU A 33 -14.46 4.21 1.47
N ASP A 34 -13.56 5.03 2.00
CA ASP A 34 -13.90 6.38 2.42
C ASP A 34 -12.71 7.29 2.18
N LYS A 35 -12.78 7.99 1.07
CA LYS A 35 -11.70 8.85 0.59
C LYS A 35 -11.17 9.78 1.68
N GLU A 36 -12.05 10.60 2.23
CA GLU A 36 -11.64 11.66 3.13
C GLU A 36 -11.27 11.16 4.53
N SER A 37 -11.83 10.02 4.93
CA SER A 37 -11.53 9.49 6.25
C SER A 37 -10.24 8.66 6.22
N LYS A 38 -9.59 8.63 5.04
CA LYS A 38 -8.30 7.95 4.87
C LYS A 38 -8.45 6.43 4.94
N ILE A 39 -9.65 5.94 4.64
CA ILE A 39 -9.91 4.51 4.64
C ILE A 39 -9.94 3.96 3.21
N PHE A 40 -9.13 2.95 2.94
CA PHE A 40 -9.15 2.26 1.66
C PHE A 40 -9.38 0.77 1.89
N ARG A 41 -10.03 0.12 0.94
CA ARG A 41 -10.46 -1.26 1.13
C ARG A 41 -9.98 -2.15 0.00
N ILE A 42 -9.50 -3.33 0.35
CA ILE A 42 -9.11 -4.32 -0.64
C ILE A 42 -10.35 -5.10 -1.08
N VAL A 43 -10.82 -4.80 -2.28
CA VAL A 43 -11.99 -5.46 -2.83
C VAL A 43 -11.63 -6.87 -3.29
N ASP A 44 -10.46 -6.99 -3.89
CA ASP A 44 -10.01 -8.29 -4.38
C ASP A 44 -8.51 -8.46 -4.11
N PRO A 45 -8.15 -9.28 -3.10
CA PRO A 45 -6.76 -9.54 -2.74
C PRO A 45 -6.02 -10.30 -3.83
N ASN A 46 -6.74 -11.13 -4.56
CA ASN A 46 -6.15 -11.95 -5.61
C ASN A 46 -5.75 -11.09 -6.79
N GLY A 47 -6.64 -10.18 -7.18
CA GLY A 47 -6.33 -9.24 -8.24
C GLY A 47 -5.15 -8.36 -7.88
N LEU A 48 -5.12 -7.90 -6.64
CA LEU A 48 -4.03 -7.07 -6.15
C LEU A 48 -2.70 -7.83 -6.19
N ALA A 49 -2.72 -9.07 -5.70
CA ALA A 49 -1.53 -9.90 -5.69
C ALA A 49 -1.10 -10.26 -7.11
N ARG A 50 -2.08 -10.41 -8.00
CA ARG A 50 -1.84 -10.70 -9.40
C ARG A 50 -1.04 -9.58 -10.03
N LEU A 51 -1.50 -8.35 -9.80
CA LEU A 51 -0.84 -7.17 -10.34
C LEU A 51 0.55 -7.00 -9.75
N TRP A 52 0.64 -7.06 -8.42
CA TRP A 52 1.91 -6.90 -7.72
C TRP A 52 2.90 -7.97 -8.15
N GLY A 53 2.44 -9.20 -8.28
CA GLY A 53 3.30 -10.31 -8.66
C GLY A 53 3.97 -10.08 -9.99
N ASN A 54 3.22 -9.57 -10.96
CA ASN A 54 3.77 -9.34 -12.29
C ASN A 54 4.63 -8.08 -12.32
N HIS A 55 4.26 -7.09 -11.52
CA HIS A 55 4.96 -5.82 -11.49
C HIS A 55 6.29 -5.95 -10.75
N LYS A 56 6.33 -6.84 -9.75
CA LYS A 56 7.52 -7.02 -8.94
C LYS A 56 8.29 -8.27 -9.41
N ASN A 57 7.84 -8.85 -10.52
CA ASN A 57 8.49 -10.04 -11.09
C ASN A 57 8.61 -11.17 -10.08
N ARG A 58 7.46 -11.64 -9.60
CA ARG A 58 7.41 -12.75 -8.66
C ARG A 58 6.62 -13.90 -9.28
N THR A 59 7.29 -15.02 -9.49
CA THR A 59 6.66 -16.20 -10.05
C THR A 59 5.67 -16.80 -9.06
N ASN A 60 4.39 -16.75 -9.42
CA ASN A 60 3.30 -17.24 -8.57
C ASN A 60 3.28 -16.49 -7.24
N MET A 61 2.76 -15.27 -7.28
CA MET A 61 2.66 -14.44 -6.09
C MET A 61 1.29 -14.63 -5.45
N THR A 62 1.28 -14.60 -4.12
CA THR A 62 0.04 -14.72 -3.36
C THR A 62 -0.02 -13.63 -2.30
N TYR A 63 -1.23 -13.27 -1.91
CA TYR A 63 -1.46 -12.15 -1.01
C TYR A 63 -0.89 -12.42 0.38
N GLU A 64 -0.79 -13.69 0.74
CA GLU A 64 -0.36 -14.06 2.08
C GLU A 64 1.10 -13.68 2.33
N LYS A 65 1.90 -13.64 1.27
CA LYS A 65 3.31 -13.26 1.38
C LYS A 65 3.46 -11.75 1.56
N MET A 66 2.49 -11.01 1.02
CA MET A 66 2.47 -9.56 1.12
C MET A 66 2.42 -9.12 2.59
N SER A 67 1.70 -9.89 3.39
CA SER A 67 1.49 -9.59 4.81
C SER A 67 2.81 -9.36 5.55
N ARG A 68 3.87 -10.04 5.11
CA ARG A 68 5.19 -9.89 5.74
C ARG A 68 5.66 -8.43 5.66
N ALA A 69 5.51 -7.85 4.48
CA ALA A 69 5.89 -6.46 4.26
C ALA A 69 4.88 -5.52 4.90
N LEU A 70 3.61 -5.91 4.86
CA LEU A 70 2.54 -5.12 5.46
C LEU A 70 2.76 -4.92 6.96
N ARG A 71 3.30 -5.95 7.62
CA ARG A 71 3.56 -5.90 9.06
C ARG A 71 4.50 -4.74 9.38
N HIS A 72 5.40 -4.43 8.44
CA HIS A 72 6.35 -3.34 8.58
C HIS A 72 5.64 -2.00 8.75
N TYR A 73 4.53 -1.83 8.04
CA TYR A 73 3.84 -0.55 8.03
C TYR A 73 2.92 -0.39 9.24
N TYR A 74 2.49 -1.51 9.81
CA TYR A 74 1.62 -1.48 10.97
C TYR A 74 2.37 -0.96 12.19
N LYS A 75 3.64 -1.33 12.28
CA LYS A 75 4.49 -0.97 13.42
C LYS A 75 4.80 0.52 13.43
N LEU A 76 4.89 1.11 12.24
CA LEU A 76 5.26 2.51 12.11
C LEU A 76 4.02 3.40 12.14
N ASN A 77 2.85 2.77 12.26
CA ASN A 77 1.57 3.48 12.29
C ASN A 77 1.30 4.22 10.99
N ILE A 78 1.95 3.78 9.92
CA ILE A 78 1.69 4.35 8.60
C ILE A 78 0.36 3.82 8.08
N ILE A 79 0.26 2.50 8.05
CA ILE A 79 -0.98 1.84 7.69
C ILE A 79 -1.54 1.16 8.94
N ARG A 80 -2.73 1.58 9.34
CA ARG A 80 -3.33 1.04 10.54
C ARG A 80 -4.67 0.41 10.19
N LYS A 81 -4.87 -0.82 10.62
CA LYS A 81 -6.09 -1.54 10.33
C LYS A 81 -7.15 -1.21 11.36
N GLU A 82 -8.39 -1.15 10.93
CA GLU A 82 -9.50 -0.98 11.84
C GLU A 82 -9.79 -2.31 12.52
N PRO A 83 -9.78 -2.35 13.86
CA PRO A 83 -9.97 -3.59 14.63
C PRO A 83 -11.24 -4.33 14.23
N GLY A 84 -11.06 -5.56 13.73
CA GLY A 84 -12.19 -6.36 13.34
C GLY A 84 -12.38 -6.39 11.83
N GLN A 85 -11.57 -5.61 11.12
CA GLN A 85 -11.66 -5.53 9.67
C GLN A 85 -10.52 -6.29 9.02
N ARG A 86 -10.86 -7.24 8.16
CA ARG A 86 -9.87 -8.09 7.52
C ARG A 86 -9.13 -7.35 6.41
N LEU A 87 -9.85 -6.94 5.38
CA LEU A 87 -9.26 -6.35 4.18
C LEU A 87 -9.39 -4.83 4.20
N LEU A 88 -9.59 -4.26 5.37
CA LEU A 88 -9.75 -2.82 5.50
C LEU A 88 -8.48 -2.21 6.09
N PHE A 89 -7.94 -1.23 5.41
CA PHE A 89 -6.73 -0.55 5.86
C PHE A 89 -6.96 0.96 5.88
N ARG A 90 -6.39 1.63 6.85
CA ARG A 90 -6.55 3.07 6.97
C ARG A 90 -5.19 3.74 7.10
N PHE A 91 -5.03 4.83 6.37
CA PHE A 91 -3.84 5.65 6.52
C PHE A 91 -3.90 6.39 7.84
N MET A 92 -2.97 6.10 8.73
CA MET A 92 -2.93 6.76 10.01
C MET A 92 -1.98 7.96 9.92
N LYS A 93 -0.96 7.80 9.09
CA LYS A 93 0.02 8.85 8.86
C LYS A 93 -0.40 9.78 7.73
N THR A 94 0.34 10.86 7.55
CA THR A 94 0.07 11.82 6.48
C THR A 94 1.36 12.12 5.72
N PRO A 95 1.26 12.31 4.39
CA PRO A 95 2.43 12.58 3.53
C PRO A 95 3.15 13.89 3.89
N ASP A 96 2.46 14.77 4.60
CA ASP A 96 3.04 16.06 5.00
C ASP A 96 4.25 15.84 5.89
N GLU A 97 4.12 14.93 6.85
CA GLU A 97 5.21 14.62 7.76
C GLU A 97 6.37 13.96 7.02
N ILE A 98 6.04 13.19 6.00
CA ILE A 98 7.06 12.53 5.17
C ILE A 98 7.89 13.58 4.44
N MET A 99 7.23 14.67 4.04
CA MET A 99 7.88 15.76 3.33
C MET A 99 8.84 16.52 4.26
N SER A 100 8.66 16.33 5.57
CA SER A 100 9.54 16.96 6.55
C SER A 100 10.90 16.26 6.59
N GLY A 101 10.96 15.05 6.06
CA GLY A 101 12.21 14.31 6.02
C GLY A 101 12.84 14.35 4.64
N ARG A 102 13.77 15.26 4.44
CA ARG A 102 14.41 15.42 3.14
C ARG A 102 15.90 15.12 3.24
N GLY A 1 26.49 11.02 10.50
CA GLY A 1 26.60 10.00 9.44
C GLY A 1 25.26 9.74 8.77
N SER A 2 25.01 10.42 7.67
CA SER A 2 23.73 10.33 6.98
C SER A 2 23.55 8.96 6.35
N HIS A 3 24.66 8.29 6.02
CA HIS A 3 24.60 6.95 5.45
C HIS A 3 24.69 5.90 6.55
N MET A 4 24.63 6.33 7.80
CA MET A 4 24.71 5.43 8.93
C MET A 4 23.33 5.22 9.55
N GLY A 5 22.93 3.97 9.68
CA GLY A 5 21.65 3.66 10.27
C GLY A 5 21.27 2.21 10.06
N ARG A 6 20.07 1.85 10.48
CA ARG A 6 19.59 0.48 10.30
C ARG A 6 18.94 0.34 8.94
N ILE A 7 19.56 -0.49 8.10
CA ILE A 7 19.19 -0.60 6.70
C ILE A 7 17.75 -1.07 6.50
N ALA A 8 16.98 -0.24 5.82
CA ALA A 8 15.62 -0.57 5.40
C ALA A 8 15.32 0.14 4.09
N ASP A 9 15.37 -0.61 3.00
CA ASP A 9 15.24 -0.01 1.67
C ASP A 9 13.77 0.24 1.31
N SER A 10 13.51 0.65 0.08
CA SER A 10 12.17 1.07 -0.31
C SER A 10 11.56 0.14 -1.36
N ARG A 11 10.32 0.42 -1.72
CA ARG A 11 9.62 -0.34 -2.75
C ARG A 11 8.49 0.50 -3.32
N LEU A 12 8.33 0.46 -4.64
CA LEU A 12 7.38 1.33 -5.35
C LEU A 12 5.93 0.92 -5.12
N LEU A 13 5.71 -0.05 -4.24
CA LEU A 13 4.39 -0.56 -3.95
C LEU A 13 3.40 0.57 -3.61
N TRP A 14 3.83 1.52 -2.79
CA TRP A 14 2.97 2.61 -2.35
C TRP A 14 2.46 3.43 -3.55
N ASP A 15 3.37 3.73 -4.47
CA ASP A 15 3.03 4.53 -5.64
C ASP A 15 2.18 3.73 -6.61
N TYR A 16 2.58 2.49 -6.84
CA TYR A 16 1.91 1.62 -7.80
C TYR A 16 0.44 1.43 -7.46
N VAL A 17 0.14 1.35 -6.17
CA VAL A 17 -1.23 1.14 -5.72
C VAL A 17 -2.09 2.38 -5.95
N TYR A 18 -1.49 3.56 -5.86
CA TYR A 18 -2.25 4.81 -5.97
C TYR A 18 -2.84 4.97 -7.37
N GLN A 19 -2.11 4.51 -8.38
CA GLN A 19 -2.61 4.55 -9.75
C GLN A 19 -3.89 3.74 -9.89
N LEU A 20 -3.92 2.60 -9.21
CA LEU A 20 -5.10 1.74 -9.20
C LEU A 20 -6.21 2.39 -8.41
N LEU A 21 -5.85 3.04 -7.30
CA LEU A 21 -6.82 3.73 -6.45
C LEU A 21 -7.45 4.91 -7.19
N SER A 22 -6.74 5.44 -8.16
CA SER A 22 -7.20 6.59 -8.93
C SER A 22 -8.26 6.18 -9.94
N ASP A 23 -8.00 5.10 -10.66
CA ASP A 23 -8.90 4.66 -11.71
C ASP A 23 -9.24 3.19 -11.53
N SER A 24 -9.87 2.87 -10.40
CA SER A 24 -10.11 1.48 -10.00
C SER A 24 -11.39 0.92 -10.62
N ARG A 25 -12.04 1.70 -11.46
CA ARG A 25 -13.36 1.32 -12.00
C ARG A 25 -13.31 0.02 -12.81
N TYR A 26 -12.17 -0.35 -13.35
CA TYR A 26 -12.10 -1.57 -14.15
C TYR A 26 -11.44 -2.71 -13.37
N GLU A 27 -10.57 -2.37 -12.42
CA GLU A 27 -9.92 -3.39 -11.59
C GLU A 27 -10.85 -3.87 -10.50
N ASN A 28 -11.32 -2.92 -9.68
CA ASN A 28 -12.19 -3.21 -8.54
C ASN A 28 -11.47 -4.06 -7.50
N PHE A 29 -10.14 -4.08 -7.55
CA PHE A 29 -9.35 -4.88 -6.62
C PHE A 29 -9.13 -4.14 -5.31
N ILE A 30 -8.99 -2.83 -5.41
CA ILE A 30 -8.77 -2.00 -4.24
C ILE A 30 -9.19 -0.56 -4.54
N ARG A 31 -9.90 0.06 -3.62
CA ARG A 31 -10.35 1.44 -3.80
C ARG A 31 -10.44 2.16 -2.45
N TRP A 32 -10.72 3.46 -2.48
CA TRP A 32 -10.84 4.24 -1.26
C TRP A 32 -12.19 4.01 -0.60
N GLU A 33 -12.17 3.89 0.72
CA GLU A 33 -13.41 3.86 1.48
C GLU A 33 -13.71 5.27 1.97
N ASP A 34 -12.65 6.00 2.30
CA ASP A 34 -12.75 7.39 2.70
C ASP A 34 -11.52 8.14 2.23
N LYS A 35 -11.72 9.08 1.32
CA LYS A 35 -10.63 9.81 0.69
C LYS A 35 -9.86 10.66 1.70
N GLU A 36 -10.59 11.39 2.53
CA GLU A 36 -10.00 12.36 3.44
C GLU A 36 -9.34 11.68 4.63
N SER A 37 -9.83 10.50 5.00
CA SER A 37 -9.27 9.77 6.12
C SER A 37 -8.22 8.76 5.65
N LYS A 38 -8.00 8.72 4.33
CA LYS A 38 -7.00 7.84 3.72
C LYS A 38 -7.30 6.38 4.05
N ILE A 39 -8.57 6.03 4.06
CA ILE A 39 -9.00 4.67 4.35
C ILE A 39 -9.31 3.94 3.06
N PHE A 40 -8.72 2.75 2.89
CA PHE A 40 -8.95 1.96 1.68
C PHE A 40 -9.23 0.51 2.05
N ARG A 41 -9.83 -0.21 1.12
CA ARG A 41 -10.24 -1.59 1.37
C ARG A 41 -9.79 -2.52 0.25
N ILE A 42 -9.30 -3.69 0.63
CA ILE A 42 -8.95 -4.72 -0.32
C ILE A 42 -10.20 -5.49 -0.74
N VAL A 43 -10.52 -5.46 -2.02
CA VAL A 43 -11.69 -6.15 -2.52
C VAL A 43 -11.29 -7.48 -3.12
N ASP A 44 -10.20 -7.48 -3.86
CA ASP A 44 -9.67 -8.71 -4.45
C ASP A 44 -8.16 -8.78 -4.28
N PRO A 45 -7.69 -9.65 -3.37
CA PRO A 45 -6.28 -9.80 -3.07
C PRO A 45 -5.50 -10.47 -4.20
N ASN A 46 -6.21 -11.27 -4.99
CA ASN A 46 -5.58 -12.03 -6.07
C ASN A 46 -5.18 -11.12 -7.21
N GLY A 47 -6.12 -10.29 -7.66
CA GLY A 47 -5.85 -9.38 -8.75
C GLY A 47 -4.76 -8.38 -8.43
N LEU A 48 -4.80 -7.86 -7.22
CA LEU A 48 -3.80 -6.89 -6.77
C LEU A 48 -2.40 -7.49 -6.82
N ALA A 49 -2.25 -8.69 -6.26
CA ALA A 49 -0.97 -9.37 -6.23
C ALA A 49 -0.55 -9.80 -7.64
N ARG A 50 -1.52 -10.15 -8.46
CA ARG A 50 -1.26 -10.59 -9.82
C ARG A 50 -0.63 -9.47 -10.64
N LEU A 51 -1.21 -8.28 -10.55
CA LEU A 51 -0.70 -7.11 -11.27
C LEU A 51 0.73 -6.81 -10.86
N TRP A 52 0.97 -6.82 -9.55
CA TRP A 52 2.29 -6.56 -8.99
C TRP A 52 3.31 -7.60 -9.49
N GLY A 53 2.88 -8.86 -9.50
CA GLY A 53 3.75 -9.92 -9.97
C GLY A 53 4.07 -9.79 -11.44
N ASN A 54 3.05 -9.52 -12.26
CA ASN A 54 3.21 -9.39 -13.70
C ASN A 54 4.10 -8.21 -14.05
N HIS A 55 4.04 -7.17 -13.22
CA HIS A 55 4.84 -5.96 -13.42
C HIS A 55 6.33 -6.29 -13.33
N LYS A 56 6.67 -7.31 -12.54
CA LYS A 56 8.06 -7.70 -12.37
C LYS A 56 8.35 -8.97 -13.16
N ASN A 57 7.41 -9.37 -14.02
CA ASN A 57 7.54 -10.58 -14.84
C ASN A 57 7.70 -11.82 -13.97
N ARG A 58 7.11 -11.78 -12.79
CA ARG A 58 7.24 -12.89 -11.86
C ARG A 58 6.09 -13.88 -12.01
N THR A 59 6.43 -15.16 -12.07
CA THR A 59 5.43 -16.20 -12.03
C THR A 59 5.31 -16.73 -10.61
N ASN A 60 4.16 -17.30 -10.28
CA ASN A 60 3.89 -17.82 -8.93
C ASN A 60 3.83 -16.66 -7.92
N MET A 61 2.72 -15.96 -7.94
CA MET A 61 2.52 -14.83 -7.05
C MET A 61 1.13 -14.89 -6.44
N THR A 62 1.07 -14.84 -5.12
CA THR A 62 -0.19 -14.84 -4.40
C THR A 62 -0.16 -13.81 -3.29
N TYR A 63 -1.32 -13.57 -2.68
CA TYR A 63 -1.44 -12.54 -1.66
C TYR A 63 -0.68 -12.94 -0.41
N GLU A 64 -0.43 -14.24 -0.23
CA GLU A 64 0.35 -14.72 0.90
C GLU A 64 1.76 -14.12 0.87
N LYS A 65 2.30 -14.01 -0.33
CA LYS A 65 3.61 -13.37 -0.53
C LYS A 65 3.48 -11.86 -0.37
N MET A 66 2.36 -11.34 -0.86
CA MET A 66 2.11 -9.90 -0.93
C MET A 66 2.02 -9.27 0.46
N SER A 67 1.32 -9.94 1.37
CA SER A 67 1.09 -9.42 2.72
C SER A 67 2.39 -9.06 3.44
N ARG A 68 3.45 -9.80 3.17
CA ARG A 68 4.74 -9.54 3.80
C ARG A 68 5.35 -8.25 3.27
N ALA A 69 5.12 -7.97 1.99
CA ALA A 69 5.55 -6.72 1.39
C ALA A 69 4.85 -5.53 2.04
N LEU A 70 3.59 -5.73 2.40
CA LEU A 70 2.82 -4.69 3.10
C LEU A 70 3.34 -4.49 4.51
N ARG A 71 3.87 -5.57 5.10
CA ARG A 71 4.40 -5.53 6.46
C ARG A 71 5.50 -4.47 6.58
N HIS A 72 6.15 -4.21 5.44
CA HIS A 72 7.23 -3.22 5.38
C HIS A 72 6.74 -1.84 5.83
N TYR A 73 5.46 -1.56 5.61
CA TYR A 73 4.89 -0.26 5.92
C TYR A 73 4.45 -0.17 7.37
N TYR A 74 4.24 -1.31 8.00
CA TYR A 74 3.86 -1.35 9.41
C TYR A 74 5.08 -1.13 10.28
N LYS A 75 6.20 -1.63 9.80
CA LYS A 75 7.48 -1.42 10.46
C LYS A 75 7.87 0.07 10.37
N LEU A 76 7.41 0.73 9.31
CA LEU A 76 7.65 2.16 9.14
C LEU A 76 6.58 2.97 9.86
N ASN A 77 5.50 2.28 10.27
CA ASN A 77 4.37 2.88 10.99
C ASN A 77 3.65 3.91 10.10
N ILE A 78 3.70 3.68 8.80
CA ILE A 78 3.03 4.55 7.84
C ILE A 78 1.60 4.08 7.61
N ILE A 79 1.43 2.77 7.64
CA ILE A 79 0.12 2.16 7.44
C ILE A 79 -0.38 1.55 8.74
N ARG A 80 -1.62 1.83 9.09
CA ARG A 80 -2.21 1.28 10.30
C ARG A 80 -3.37 0.37 9.98
N LYS A 81 -3.42 -0.78 10.65
CA LYS A 81 -4.58 -1.66 10.58
C LYS A 81 -5.47 -1.39 11.78
N GLU A 82 -6.62 -0.78 11.53
CA GLU A 82 -7.54 -0.40 12.60
C GLU A 82 -7.94 -1.61 13.44
N PRO A 83 -7.70 -1.54 14.76
CA PRO A 83 -7.94 -2.65 15.68
C PRO A 83 -9.33 -3.25 15.55
N GLY A 84 -9.38 -4.55 15.31
CA GLY A 84 -10.65 -5.22 15.10
C GLY A 84 -10.91 -5.53 13.64
N GLN A 85 -10.28 -4.77 12.76
CA GLN A 85 -10.41 -4.98 11.34
C GLN A 85 -9.08 -5.43 10.74
N ARG A 86 -9.06 -6.62 10.18
CA ARG A 86 -7.84 -7.16 9.61
C ARG A 86 -7.77 -6.92 8.11
N LEU A 87 -8.91 -6.59 7.51
CA LEU A 87 -8.99 -6.39 6.07
C LEU A 87 -9.18 -4.91 5.77
N LEU A 88 -8.99 -4.07 6.78
CA LEU A 88 -9.13 -2.64 6.63
C LEU A 88 -7.78 -1.98 6.83
N PHE A 89 -7.36 -1.17 5.87
CA PHE A 89 -6.06 -0.53 5.93
C PHE A 89 -6.19 0.97 5.78
N ARG A 90 -5.30 1.72 6.39
CA ARG A 90 -5.41 3.16 6.45
C ARG A 90 -4.03 3.82 6.55
N PHE A 91 -3.85 4.93 5.85
CA PHE A 91 -2.62 5.69 5.94
C PHE A 91 -2.60 6.51 7.22
N MET A 92 -1.48 6.48 7.93
CA MET A 92 -1.34 7.27 9.15
C MET A 92 -0.69 8.61 8.82
N LYS A 93 -0.05 8.69 7.67
CA LYS A 93 0.55 9.94 7.20
C LYS A 93 -0.34 10.57 6.13
N THR A 94 -0.32 11.89 6.05
CA THR A 94 -1.18 12.59 5.13
C THR A 94 -0.37 13.49 4.19
N PRO A 95 -0.72 13.51 2.90
CA PRO A 95 0.03 14.25 1.87
C PRO A 95 0.12 15.75 2.13
N ASP A 96 -0.82 16.30 2.91
CA ASP A 96 -0.84 17.73 3.18
C ASP A 96 0.37 18.14 4.03
N GLU A 97 0.97 17.18 4.72
CA GLU A 97 2.19 17.42 5.47
C GLU A 97 3.30 17.89 4.52
N ILE A 98 3.41 17.22 3.38
CA ILE A 98 4.40 17.55 2.38
C ILE A 98 3.94 18.74 1.54
N MET A 99 2.63 18.84 1.33
CA MET A 99 2.04 19.92 0.53
C MET A 99 2.31 21.29 1.15
N SER A 100 2.42 21.30 2.47
CA SER A 100 2.68 22.54 3.21
C SER A 100 4.13 22.99 3.04
N GLY A 101 4.95 22.15 2.41
CA GLY A 101 6.34 22.49 2.19
C GLY A 101 6.51 23.54 1.11
N ARG A 102 6.79 24.76 1.53
CA ARG A 102 6.96 25.87 0.59
C ARG A 102 8.26 25.73 -0.17
N GLY A 1 27.11 7.56 11.64
CA GLY A 1 26.47 7.88 12.94
C GLY A 1 24.96 7.81 12.87
N SER A 2 24.30 8.20 13.94
CA SER A 2 22.84 8.19 14.00
C SER A 2 22.29 9.51 13.48
N HIS A 3 21.45 9.44 12.46
CA HIS A 3 20.88 10.63 11.84
C HIS A 3 19.74 10.26 10.91
N MET A 4 18.52 10.57 11.33
CA MET A 4 17.35 10.29 10.51
C MET A 4 17.14 11.39 9.47
N GLY A 5 16.10 11.24 8.66
CA GLY A 5 15.84 12.18 7.58
C GLY A 5 15.29 11.46 6.37
N ARG A 6 15.85 10.29 6.09
CA ARG A 6 15.37 9.43 5.04
C ARG A 6 15.17 8.02 5.59
N ILE A 7 14.14 7.34 5.10
CA ILE A 7 13.83 6.01 5.59
C ILE A 7 14.80 4.98 5.02
N ALA A 8 15.69 4.49 5.88
CA ALA A 8 16.66 3.48 5.49
C ALA A 8 15.99 2.12 5.35
N ASP A 9 16.18 1.50 4.18
CA ASP A 9 15.61 0.19 3.87
C ASP A 9 14.09 0.27 3.70
N SER A 10 13.65 0.32 2.45
CA SER A 10 12.24 0.41 2.14
C SER A 10 11.93 -0.41 0.89
N ARG A 11 10.68 -0.40 0.45
CA ARG A 11 10.27 -1.19 -0.69
C ARG A 11 9.72 -0.29 -1.80
N LEU A 12 9.31 -0.89 -2.91
CA LEU A 12 8.80 -0.13 -4.06
C LEU A 12 7.27 -0.14 -4.05
N LEU A 13 6.70 -0.92 -3.13
CA LEU A 13 5.25 -1.16 -3.09
C LEU A 13 4.44 0.14 -3.10
N TRP A 14 4.81 1.07 -2.24
CA TRP A 14 4.04 2.30 -2.05
C TRP A 14 3.94 3.12 -3.33
N ASP A 15 4.95 3.03 -4.19
CA ASP A 15 4.98 3.78 -5.43
C ASP A 15 3.94 3.25 -6.40
N TYR A 16 3.93 1.94 -6.59
CA TYR A 16 3.02 1.28 -7.52
C TYR A 16 1.57 1.32 -7.01
N VAL A 17 1.40 1.06 -5.73
CA VAL A 17 0.07 1.01 -5.13
C VAL A 17 -0.62 2.37 -5.17
N TYR A 18 0.15 3.44 -4.98
CA TYR A 18 -0.40 4.78 -4.99
C TYR A 18 -1.04 5.12 -6.33
N GLN A 19 -0.50 4.55 -7.40
CA GLN A 19 -1.06 4.74 -8.73
C GLN A 19 -2.41 4.05 -8.85
N LEU A 20 -2.54 2.90 -8.22
CA LEU A 20 -3.81 2.18 -8.20
C LEU A 20 -4.82 2.92 -7.34
N LEU A 21 -4.33 3.46 -6.23
CA LEU A 21 -5.16 4.23 -5.31
C LEU A 21 -5.60 5.55 -5.93
N SER A 22 -4.84 6.02 -6.92
CA SER A 22 -5.19 7.25 -7.62
C SER A 22 -6.38 7.00 -8.55
N ASP A 23 -6.39 5.84 -9.20
CA ASP A 23 -7.48 5.50 -10.11
C ASP A 23 -8.13 4.19 -9.69
N SER A 24 -8.73 4.21 -8.51
CA SER A 24 -9.37 3.03 -7.94
C SER A 24 -10.71 2.73 -8.62
N ARG A 25 -11.04 3.50 -9.64
CA ARG A 25 -12.32 3.36 -10.32
C ARG A 25 -12.40 2.08 -11.14
N TYR A 26 -11.28 1.65 -11.73
CA TYR A 26 -11.33 0.55 -12.70
C TYR A 26 -10.92 -0.79 -12.10
N GLU A 27 -10.12 -0.77 -11.04
CA GLU A 27 -9.62 -2.03 -10.49
C GLU A 27 -10.56 -2.59 -9.42
N ASN A 28 -10.95 -1.75 -8.47
CA ASN A 28 -11.91 -2.10 -7.42
C ASN A 28 -11.37 -3.21 -6.51
N PHE A 29 -10.05 -3.34 -6.46
CA PHE A 29 -9.41 -4.34 -5.62
C PHE A 29 -8.99 -3.70 -4.30
N ILE A 30 -8.44 -2.51 -4.41
CA ILE A 30 -8.05 -1.72 -3.25
C ILE A 30 -8.40 -0.25 -3.47
N ARG A 31 -9.27 0.28 -2.63
CA ARG A 31 -9.73 1.64 -2.79
C ARG A 31 -10.01 2.31 -1.45
N TRP A 32 -10.24 3.60 -1.49
CA TRP A 32 -10.42 4.39 -0.28
C TRP A 32 -11.83 4.25 0.27
N GLU A 33 -11.93 4.08 1.58
CA GLU A 33 -13.21 4.18 2.27
C GLU A 33 -13.59 5.64 2.36
N ASP A 34 -12.55 6.48 2.44
CA ASP A 34 -12.70 7.92 2.43
C ASP A 34 -11.37 8.57 2.07
N LYS A 35 -11.37 9.39 1.04
CA LYS A 35 -10.16 9.97 0.49
C LYS A 35 -9.52 10.93 1.51
N GLU A 36 -10.35 11.75 2.13
CA GLU A 36 -9.87 12.81 3.02
C GLU A 36 -9.28 12.23 4.30
N SER A 37 -9.90 11.18 4.81
CA SER A 37 -9.47 10.55 6.04
C SER A 37 -8.26 9.64 5.81
N LYS A 38 -7.94 9.43 4.52
CA LYS A 38 -6.80 8.61 4.12
C LYS A 38 -7.00 7.16 4.54
N ILE A 39 -8.25 6.73 4.53
CA ILE A 39 -8.61 5.37 4.91
C ILE A 39 -8.95 4.56 3.67
N PHE A 40 -8.41 3.36 3.58
CA PHE A 40 -8.66 2.50 2.43
C PHE A 40 -8.90 1.07 2.88
N ARG A 41 -9.63 0.33 2.07
CA ARG A 41 -9.95 -1.05 2.39
C ARG A 41 -9.53 -1.99 1.27
N ILE A 42 -9.04 -3.16 1.64
CA ILE A 42 -8.80 -4.22 0.68
C ILE A 42 -10.12 -4.88 0.34
N VAL A 43 -10.55 -4.73 -0.90
CA VAL A 43 -11.81 -5.30 -1.34
C VAL A 43 -11.57 -6.68 -1.96
N ASP A 44 -10.50 -6.78 -2.74
CA ASP A 44 -10.13 -8.04 -3.36
C ASP A 44 -8.62 -8.22 -3.29
N PRO A 45 -8.15 -9.03 -2.33
CA PRO A 45 -6.71 -9.26 -2.14
C PRO A 45 -6.10 -10.11 -3.25
N ASN A 46 -6.96 -10.83 -3.97
CA ASN A 46 -6.52 -11.72 -5.04
C ASN A 46 -6.06 -10.90 -6.24
N GLY A 47 -6.89 -9.97 -6.69
CA GLY A 47 -6.57 -9.16 -7.85
C GLY A 47 -5.38 -8.28 -7.60
N LEU A 48 -5.28 -7.74 -6.39
CA LEU A 48 -4.17 -6.87 -6.01
C LEU A 48 -2.85 -7.63 -6.11
N ALA A 49 -2.80 -8.81 -5.49
CA ALA A 49 -1.61 -9.64 -5.51
C ALA A 49 -1.34 -10.19 -6.91
N ARG A 50 -2.43 -10.46 -7.63
CA ARG A 50 -2.36 -11.00 -8.97
C ARG A 50 -1.60 -10.08 -9.91
N LEU A 51 -1.93 -8.79 -9.86
CA LEU A 51 -1.28 -7.80 -10.71
C LEU A 51 0.19 -7.64 -10.35
N TRP A 52 0.47 -7.63 -9.05
CA TRP A 52 1.82 -7.46 -8.55
C TRP A 52 2.73 -8.60 -9.02
N GLY A 53 2.21 -9.82 -8.95
CA GLY A 53 2.97 -10.97 -9.38
C GLY A 53 3.04 -11.11 -10.89
N ASN A 54 1.90 -10.91 -11.55
CA ASN A 54 1.79 -11.11 -12.99
C ASN A 54 2.73 -10.19 -13.76
N HIS A 55 2.76 -8.92 -13.35
CA HIS A 55 3.56 -7.91 -14.05
C HIS A 55 5.04 -8.24 -13.95
N LYS A 56 5.41 -9.00 -12.93
CA LYS A 56 6.80 -9.38 -12.71
C LYS A 56 7.04 -10.83 -13.12
N ASN A 57 6.03 -11.45 -13.72
CA ASN A 57 6.12 -12.82 -14.24
C ASN A 57 6.41 -13.84 -13.15
N ARG A 58 6.00 -13.53 -11.92
CA ARG A 58 6.27 -14.41 -10.79
C ARG A 58 5.04 -15.24 -10.44
N THR A 59 5.18 -16.55 -10.53
CA THR A 59 4.12 -17.47 -10.15
C THR A 59 4.18 -17.72 -8.64
N ASN A 60 3.14 -18.33 -8.07
CA ASN A 60 3.05 -18.57 -6.62
C ASN A 60 2.88 -17.26 -5.87
N MET A 61 2.45 -16.23 -6.58
CA MET A 61 2.21 -14.93 -5.98
C MET A 61 0.86 -14.91 -5.30
N THR A 62 0.87 -14.63 -4.01
CA THR A 62 -0.34 -14.57 -3.21
C THR A 62 -0.28 -13.36 -2.29
N TYR A 63 -1.39 -13.03 -1.64
CA TYR A 63 -1.45 -11.89 -0.75
C TYR A 63 -0.47 -12.06 0.41
N GLU A 64 -0.16 -13.32 0.72
CA GLU A 64 0.80 -13.65 1.76
C GLU A 64 2.18 -13.08 1.41
N LYS A 65 2.52 -13.11 0.13
CA LYS A 65 3.81 -12.61 -0.35
C LYS A 65 3.83 -11.08 -0.30
N MET A 66 2.68 -10.48 -0.58
CA MET A 66 2.52 -9.04 -0.50
C MET A 66 2.59 -8.56 0.94
N SER A 67 2.03 -9.36 1.84
CA SER A 67 1.98 -9.06 3.27
C SER A 67 3.36 -8.73 3.82
N ARG A 68 4.40 -9.35 3.26
CA ARG A 68 5.77 -9.13 3.71
C ARG A 68 6.15 -7.65 3.58
N ALA A 69 5.67 -6.99 2.54
CA ALA A 69 5.97 -5.60 2.31
C ALA A 69 5.26 -4.71 3.32
N LEU A 70 3.99 -5.01 3.57
CA LEU A 70 3.20 -4.26 4.55
C LEU A 70 3.75 -4.50 5.95
N ARG A 71 4.29 -5.70 6.16
CA ARG A 71 4.87 -6.08 7.45
C ARG A 71 5.99 -5.12 7.85
N HIS A 72 6.72 -4.65 6.85
CA HIS A 72 7.80 -3.71 7.07
C HIS A 72 7.25 -2.34 7.49
N TYR A 73 6.08 -2.00 6.97
CA TYR A 73 5.50 -0.69 7.21
C TYR A 73 4.80 -0.63 8.56
N TYR A 74 4.36 -1.78 9.06
CA TYR A 74 3.71 -1.86 10.37
C TYR A 74 4.65 -1.43 11.47
N LYS A 75 5.91 -1.81 11.35
CA LYS A 75 6.92 -1.52 12.37
C LYS A 75 7.33 -0.06 12.34
N LEU A 76 7.04 0.62 11.24
CA LEU A 76 7.36 2.03 11.12
C LEU A 76 6.12 2.88 11.34
N ASN A 77 5.02 2.21 11.70
CA ASN A 77 3.74 2.86 11.98
C ASN A 77 3.21 3.59 10.74
N ILE A 78 3.66 3.18 9.56
CA ILE A 78 3.22 3.82 8.33
C ILE A 78 1.80 3.41 7.99
N ILE A 79 1.57 2.10 7.97
CA ILE A 79 0.25 1.56 7.70
C ILE A 79 -0.38 1.07 8.99
N ARG A 80 -1.50 1.67 9.37
CA ARG A 80 -2.19 1.28 10.58
C ARG A 80 -3.52 0.64 10.23
N LYS A 81 -3.83 -0.46 10.89
CA LYS A 81 -5.11 -1.13 10.72
C LYS A 81 -6.15 -0.50 11.64
N GLU A 82 -7.38 -0.41 11.17
CA GLU A 82 -8.49 -0.02 12.01
C GLU A 82 -8.75 -1.15 13.01
N PRO A 83 -8.66 -0.85 14.32
CA PRO A 83 -8.70 -1.86 15.38
C PRO A 83 -9.91 -2.79 15.29
N GLY A 84 -9.63 -4.08 15.12
CA GLY A 84 -10.68 -5.07 15.08
C GLY A 84 -11.07 -5.45 13.67
N GLN A 85 -10.69 -4.63 12.71
CA GLN A 85 -11.02 -4.87 11.32
C GLN A 85 -9.82 -5.42 10.57
N ARG A 86 -10.06 -6.38 9.68
CA ARG A 86 -8.98 -7.12 9.05
C ARG A 86 -8.43 -6.42 7.81
N LEU A 87 -9.33 -5.87 6.98
CA LEU A 87 -8.92 -5.32 5.69
C LEU A 87 -9.05 -3.80 5.66
N LEU A 88 -9.13 -3.21 6.83
CA LEU A 88 -9.23 -1.75 6.93
C LEU A 88 -7.88 -1.15 7.31
N PHE A 89 -7.42 -0.21 6.52
CA PHE A 89 -6.12 0.41 6.74
C PHE A 89 -6.22 1.93 6.63
N ARG A 90 -5.39 2.62 7.38
CA ARG A 90 -5.40 4.08 7.40
C ARG A 90 -3.97 4.62 7.31
N PHE A 91 -3.77 5.63 6.46
CA PHE A 91 -2.50 6.34 6.40
C PHE A 91 -2.41 7.33 7.56
N MET A 92 -1.41 7.17 8.40
CA MET A 92 -1.25 8.04 9.57
C MET A 92 -0.57 9.35 9.17
N LYS A 93 0.15 9.33 8.05
CA LYS A 93 0.89 10.50 7.62
C LYS A 93 0.22 11.14 6.40
N THR A 94 0.46 12.42 6.20
CA THR A 94 -0.18 13.17 5.13
C THR A 94 0.67 13.12 3.84
N PRO A 95 0.02 13.17 2.67
CA PRO A 95 0.70 13.15 1.37
C PRO A 95 1.53 14.41 1.10
N ASP A 96 1.31 15.46 1.91
CA ASP A 96 2.03 16.73 1.76
C ASP A 96 3.54 16.50 1.68
N GLU A 97 4.04 15.65 2.57
CA GLU A 97 5.46 15.39 2.69
C GLU A 97 6.00 14.67 1.44
N ILE A 98 5.17 13.81 0.86
CA ILE A 98 5.60 12.99 -0.28
C ILE A 98 5.46 13.77 -1.58
N MET A 99 4.68 14.85 -1.54
CA MET A 99 4.37 15.65 -2.72
C MET A 99 5.65 16.21 -3.35
N SER A 100 6.60 16.60 -2.52
CA SER A 100 7.85 17.18 -3.02
C SER A 100 8.94 16.12 -3.12
N GLY A 101 8.56 14.86 -2.98
CA GLY A 101 9.53 13.78 -3.09
C GLY A 101 9.50 13.14 -4.46
N ARG A 102 9.07 13.93 -5.45
CA ARG A 102 8.90 13.44 -6.80
C ARG A 102 9.66 14.32 -7.78
N GLY A 1 13.23 8.33 4.02
CA GLY A 1 12.51 9.62 4.16
C GLY A 1 12.53 10.13 5.58
N SER A 2 13.69 10.57 6.05
CA SER A 2 13.82 11.09 7.39
C SER A 2 14.95 12.10 7.49
N HIS A 3 14.79 13.09 8.37
CA HIS A 3 15.82 14.11 8.57
C HIS A 3 16.93 13.58 9.47
N MET A 4 16.68 12.41 10.06
CA MET A 4 17.68 11.73 10.88
C MET A 4 17.77 10.27 10.46
N GLY A 5 18.99 9.79 10.28
CA GLY A 5 19.19 8.40 9.89
C GLY A 5 18.71 8.13 8.48
N ARG A 6 17.95 7.06 8.32
CA ARG A 6 17.41 6.69 7.01
C ARG A 6 16.17 5.83 7.18
N ILE A 7 15.08 6.46 7.60
CA ILE A 7 13.81 5.77 7.76
C ILE A 7 13.12 5.66 6.42
N ALA A 8 13.30 4.53 5.76
CA ALA A 8 12.73 4.31 4.44
C ALA A 8 12.08 2.94 4.36
N ASP A 9 11.04 2.84 3.55
CA ASP A 9 10.34 1.57 3.36
C ASP A 9 11.21 0.64 2.52
N SER A 10 11.94 1.22 1.58
CA SER A 10 12.93 0.51 0.77
C SER A 10 12.25 -0.50 -0.17
N ARG A 11 10.96 -0.30 -0.43
CA ARG A 11 10.22 -1.20 -1.30
C ARG A 11 9.54 -0.42 -2.42
N LEU A 12 9.06 -1.13 -3.42
CA LEU A 12 8.38 -0.50 -4.56
C LEU A 12 6.87 -0.65 -4.44
N LEU A 13 6.42 -1.22 -3.35
CA LEU A 13 5.01 -1.60 -3.19
C LEU A 13 4.08 -0.40 -3.29
N TRP A 14 4.41 0.67 -2.59
CA TRP A 14 3.56 1.87 -2.53
C TRP A 14 3.32 2.47 -3.92
N ASP A 15 4.28 2.31 -4.81
CA ASP A 15 4.20 2.91 -6.15
C ASP A 15 2.98 2.40 -6.91
N TYR A 16 2.87 1.08 -7.02
CA TYR A 16 1.76 0.50 -7.77
C TYR A 16 0.46 0.63 -7.00
N VAL A 17 0.53 0.53 -5.68
CA VAL A 17 -0.66 0.63 -4.84
C VAL A 17 -1.34 1.99 -5.01
N TYR A 18 -0.53 3.06 -4.99
CA TYR A 18 -1.08 4.40 -5.14
C TYR A 18 -1.65 4.60 -6.54
N GLN A 19 -1.03 3.96 -7.53
CA GLN A 19 -1.53 4.03 -8.90
C GLN A 19 -2.91 3.40 -8.98
N LEU A 20 -3.05 2.21 -8.40
CA LEU A 20 -4.33 1.50 -8.37
C LEU A 20 -5.39 2.31 -7.62
N LEU A 21 -4.95 3.02 -6.59
CA LEU A 21 -5.85 3.85 -5.81
C LEU A 21 -6.28 5.09 -6.57
N SER A 22 -5.39 5.62 -7.39
CA SER A 22 -5.67 6.85 -8.12
C SER A 22 -6.56 6.57 -9.32
N ASP A 23 -6.24 5.54 -10.07
CA ASP A 23 -7.00 5.20 -11.27
C ASP A 23 -7.64 3.83 -11.11
N SER A 24 -8.50 3.72 -10.12
CA SER A 24 -9.15 2.46 -9.78
C SER A 24 -10.34 2.19 -10.70
N ARG A 25 -10.54 3.09 -11.65
CA ARG A 25 -11.75 3.10 -12.49
C ARG A 25 -12.02 1.78 -13.20
N TYR A 26 -10.98 1.11 -13.73
CA TYR A 26 -11.22 -0.10 -14.50
C TYR A 26 -10.91 -1.38 -13.71
N GLU A 27 -9.91 -1.33 -12.83
CA GLU A 27 -9.56 -2.49 -12.02
C GLU A 27 -10.71 -2.85 -11.08
N ASN A 28 -11.12 -1.88 -10.28
CA ASN A 28 -12.22 -2.05 -9.31
C ASN A 28 -11.89 -3.11 -8.27
N PHE A 29 -10.61 -3.44 -8.11
CA PHE A 29 -10.20 -4.43 -7.12
C PHE A 29 -9.88 -3.75 -5.80
N ILE A 30 -9.79 -2.43 -5.86
CA ILE A 30 -9.46 -1.63 -4.69
C ILE A 30 -9.96 -0.20 -4.90
N ARG A 31 -10.45 0.43 -3.84
CA ARG A 31 -10.91 1.82 -3.92
C ARG A 31 -10.63 2.55 -2.62
N TRP A 32 -10.69 3.88 -2.67
CA TRP A 32 -10.67 4.68 -1.46
C TRP A 32 -12.05 4.65 -0.80
N GLU A 33 -12.08 4.31 0.48
CA GLU A 33 -13.31 4.41 1.25
C GLU A 33 -13.64 5.88 1.46
N ASP A 34 -12.60 6.65 1.71
CA ASP A 34 -12.70 8.09 1.82
C ASP A 34 -11.35 8.71 1.49
N LYS A 35 -11.33 9.56 0.47
CA LYS A 35 -10.09 10.15 -0.03
C LYS A 35 -9.41 11.01 1.03
N GLU A 36 -10.19 11.82 1.72
CA GLU A 36 -9.64 12.77 2.70
C GLU A 36 -9.20 12.06 3.97
N SER A 37 -9.95 11.02 4.35
CA SER A 37 -9.63 10.26 5.55
C SER A 37 -8.47 9.31 5.28
N LYS A 38 -8.10 9.21 4.00
CA LYS A 38 -6.94 8.42 3.56
C LYS A 38 -7.16 6.94 3.86
N ILE A 39 -8.41 6.51 3.72
CA ILE A 39 -8.78 5.13 3.99
C ILE A 39 -9.09 4.41 2.68
N PHE A 40 -8.57 3.21 2.51
CA PHE A 40 -8.82 2.42 1.30
C PHE A 40 -9.14 0.97 1.66
N ARG A 41 -9.92 0.32 0.81
CA ARG A 41 -10.40 -1.03 1.08
C ARG A 41 -9.89 -2.02 0.04
N ILE A 42 -9.46 -3.18 0.50
CA ILE A 42 -9.11 -4.26 -0.42
C ILE A 42 -10.38 -5.00 -0.84
N VAL A 43 -10.81 -4.78 -2.06
CA VAL A 43 -12.04 -5.39 -2.55
C VAL A 43 -11.75 -6.81 -3.04
N ASP A 44 -10.71 -6.95 -3.83
CA ASP A 44 -10.32 -8.26 -4.34
C ASP A 44 -8.83 -8.48 -4.16
N PRO A 45 -8.45 -9.30 -3.16
CA PRO A 45 -7.05 -9.62 -2.88
C PRO A 45 -6.44 -10.47 -3.99
N ASN A 46 -7.29 -11.19 -4.72
CA ASN A 46 -6.83 -12.10 -5.77
C ASN A 46 -6.27 -11.32 -6.95
N GLY A 47 -7.06 -10.37 -7.43
CA GLY A 47 -6.63 -9.54 -8.54
C GLY A 47 -5.50 -8.62 -8.14
N LEU A 48 -5.57 -8.09 -6.92
CA LEU A 48 -4.54 -7.18 -6.43
C LEU A 48 -3.17 -7.88 -6.42
N ALA A 49 -3.15 -9.10 -5.89
CA ALA A 49 -1.94 -9.89 -5.85
C ALA A 49 -1.41 -10.17 -7.26
N ARG A 50 -2.33 -10.47 -8.18
CA ARG A 50 -1.98 -10.74 -9.55
C ARG A 50 -1.47 -9.48 -10.26
N LEU A 51 -2.08 -8.35 -9.93
CA LEU A 51 -1.66 -7.06 -10.50
C LEU A 51 -0.20 -6.78 -10.14
N TRP A 52 0.12 -6.93 -8.86
CA TRP A 52 1.51 -6.76 -8.41
C TRP A 52 2.41 -7.81 -9.06
N GLY A 53 1.90 -9.04 -9.15
CA GLY A 53 2.65 -10.12 -9.77
C GLY A 53 3.00 -9.81 -11.21
N ASN A 54 2.02 -9.36 -12.00
CA ASN A 54 2.25 -8.98 -13.39
C ASN A 54 3.20 -7.80 -13.47
N HIS A 55 3.00 -6.83 -12.58
CA HIS A 55 3.79 -5.60 -12.56
C HIS A 55 5.29 -5.88 -12.43
N LYS A 56 5.65 -6.86 -11.62
CA LYS A 56 7.06 -7.18 -11.42
C LYS A 56 7.45 -8.44 -12.18
N ASN A 57 6.51 -8.94 -12.97
CA ASN A 57 6.70 -10.18 -13.73
C ASN A 57 7.17 -11.31 -12.81
N ARG A 58 6.42 -11.55 -11.74
CA ARG A 58 6.77 -12.57 -10.77
C ARG A 58 5.54 -13.44 -10.44
N THR A 59 5.71 -14.75 -10.52
CA THR A 59 4.62 -15.68 -10.31
C THR A 59 4.61 -16.20 -8.87
N ASN A 60 3.48 -16.82 -8.48
CA ASN A 60 3.30 -17.35 -7.14
C ASN A 60 3.23 -16.24 -6.10
N MET A 61 2.65 -15.11 -6.49
CA MET A 61 2.47 -13.99 -5.58
C MET A 61 1.19 -14.17 -4.76
N THR A 62 1.34 -14.54 -3.51
CA THR A 62 0.21 -14.71 -2.63
C THR A 62 0.06 -13.51 -1.69
N TYR A 63 -1.06 -13.45 -0.98
CA TYR A 63 -1.34 -12.36 -0.05
C TYR A 63 -0.31 -12.34 1.08
N GLU A 64 0.24 -13.50 1.39
CA GLU A 64 1.23 -13.65 2.45
C GLU A 64 2.43 -12.74 2.19
N LYS A 65 2.90 -12.76 0.96
CA LYS A 65 4.11 -12.04 0.59
C LYS A 65 3.87 -10.53 0.65
N MET A 66 2.67 -10.13 0.25
CA MET A 66 2.28 -8.72 0.29
C MET A 66 2.13 -8.25 1.72
N SER A 67 1.56 -9.11 2.56
CA SER A 67 1.38 -8.80 3.98
C SER A 67 2.73 -8.62 4.67
N ARG A 68 3.70 -9.43 4.30
CA ARG A 68 5.05 -9.32 4.85
C ARG A 68 5.74 -8.04 4.36
N ALA A 69 5.48 -7.67 3.12
CA ALA A 69 6.01 -6.42 2.58
C ALA A 69 5.39 -5.23 3.31
N LEU A 70 4.09 -5.31 3.56
CA LEU A 70 3.36 -4.27 4.28
C LEU A 70 3.86 -4.12 5.71
N ARG A 71 4.45 -5.19 6.25
CA ARG A 71 4.93 -5.17 7.63
C ARG A 71 5.99 -4.08 7.80
N HIS A 72 6.73 -3.82 6.72
CA HIS A 72 7.78 -2.81 6.74
C HIS A 72 7.17 -1.41 6.82
N TYR A 73 5.95 -1.29 6.30
CA TYR A 73 5.25 0.00 6.29
C TYR A 73 4.56 0.26 7.63
N TYR A 74 4.24 -0.82 8.33
CA TYR A 74 3.60 -0.71 9.63
C TYR A 74 4.57 -0.16 10.66
N LYS A 75 5.82 -0.64 10.61
CA LYS A 75 6.85 -0.21 11.55
C LYS A 75 7.14 1.27 11.39
N LEU A 76 7.07 1.75 10.16
CA LEU A 76 7.33 3.16 9.87
C LEU A 76 6.07 4.00 10.10
N ASN A 77 5.00 3.34 10.51
CA ASN A 77 3.74 4.00 10.84
C ASN A 77 3.18 4.74 9.62
N ILE A 78 3.50 4.24 8.44
CA ILE A 78 3.01 4.82 7.20
C ILE A 78 1.60 4.29 6.93
N ILE A 79 1.44 2.98 7.05
CA ILE A 79 0.15 2.35 6.88
C ILE A 79 -0.36 1.84 8.21
N ARG A 80 -1.49 2.34 8.65
CA ARG A 80 -2.07 1.92 9.91
C ARG A 80 -3.40 1.23 9.65
N LYS A 81 -3.61 0.10 10.31
CA LYS A 81 -4.85 -0.64 10.18
C LYS A 81 -5.91 -0.06 11.10
N GLU A 82 -7.14 -0.05 10.64
CA GLU A 82 -8.26 0.28 11.51
C GLU A 82 -8.53 -0.90 12.44
N PRO A 83 -8.50 -0.66 13.76
CA PRO A 83 -8.60 -1.71 14.78
C PRO A 83 -9.76 -2.67 14.51
N GLY A 84 -9.42 -3.94 14.33
CA GLY A 84 -10.44 -4.96 14.10
C GLY A 84 -10.52 -5.40 12.66
N GLN A 85 -10.08 -4.54 11.74
CA GLN A 85 -10.19 -4.83 10.31
C GLN A 85 -8.85 -5.26 9.74
N ARG A 86 -8.86 -6.30 8.91
CA ARG A 86 -7.65 -6.80 8.27
C ARG A 86 -7.62 -6.39 6.80
N LEU A 87 -8.78 -6.36 6.17
CA LEU A 87 -8.89 -6.02 4.75
C LEU A 87 -9.08 -4.53 4.57
N LEU A 88 -8.85 -3.77 5.64
CA LEU A 88 -9.02 -2.33 5.61
C LEU A 88 -7.72 -1.67 6.08
N PHE A 89 -7.21 -0.76 5.26
CA PHE A 89 -5.96 -0.07 5.57
C PHE A 89 -6.13 1.43 5.45
N ARG A 90 -5.25 2.17 6.10
CA ARG A 90 -5.34 3.61 6.15
C ARG A 90 -3.95 4.26 6.18
N PHE A 91 -3.81 5.40 5.54
CA PHE A 91 -2.55 6.14 5.58
C PHE A 91 -2.45 6.95 6.85
N MET A 92 -1.39 6.72 7.61
CA MET A 92 -1.18 7.43 8.86
C MET A 92 0.04 8.34 8.74
N LYS A 93 0.48 8.54 7.50
CA LYS A 93 1.63 9.38 7.21
C LYS A 93 1.23 10.84 7.13
N THR A 94 2.07 11.72 7.65
CA THR A 94 1.81 13.14 7.66
C THR A 94 1.93 13.75 6.26
N PRO A 95 1.10 14.76 5.95
CA PRO A 95 1.09 15.42 4.63
C PRO A 95 2.45 16.01 4.27
N ASP A 96 3.20 16.46 5.29
CA ASP A 96 4.53 17.03 5.08
C ASP A 96 5.43 16.02 4.38
N GLU A 97 5.49 14.82 4.94
CA GLU A 97 6.33 13.76 4.41
C GLU A 97 5.78 13.22 3.10
N ILE A 98 4.45 13.17 2.99
CA ILE A 98 3.79 12.73 1.75
C ILE A 98 4.13 13.67 0.59
N MET A 99 3.99 14.97 0.84
CA MET A 99 4.26 15.98 -0.17
C MET A 99 5.72 15.96 -0.58
N SER A 100 6.59 15.64 0.38
CA SER A 100 8.02 15.59 0.13
C SER A 100 8.44 14.23 -0.43
N GLY A 101 7.45 13.42 -0.79
CA GLY A 101 7.72 12.09 -1.31
C GLY A 101 7.75 12.06 -2.83
N ARG A 102 7.42 13.19 -3.44
CA ARG A 102 7.43 13.29 -4.90
C ARG A 102 8.69 13.99 -5.37
N GLY A 1 37.71 2.87 4.63
CA GLY A 1 36.57 3.29 5.46
C GLY A 1 35.34 2.46 5.18
N SER A 2 34.18 2.97 5.59
CA SER A 2 32.93 2.28 5.34
C SER A 2 32.51 2.47 3.88
N HIS A 3 32.70 1.44 3.09
CA HIS A 3 32.38 1.50 1.67
C HIS A 3 31.08 0.78 1.38
N MET A 4 30.02 1.55 1.22
CA MET A 4 28.73 1.00 0.84
C MET A 4 28.52 1.13 -0.66
N GLY A 5 27.78 0.20 -1.23
CA GLY A 5 27.44 0.28 -2.63
C GLY A 5 26.12 0.98 -2.82
N ARG A 6 25.05 0.31 -2.41
CA ARG A 6 23.73 0.89 -2.41
C ARG A 6 22.79 0.03 -1.57
N ILE A 7 21.77 0.66 -1.01
CA ILE A 7 20.74 -0.07 -0.30
C ILE A 7 19.41 0.16 -1.00
N ALA A 8 18.90 -0.87 -1.65
CA ALA A 8 17.66 -0.76 -2.40
C ALA A 8 16.74 -1.94 -2.15
N ASP A 9 15.91 -1.82 -1.12
CA ASP A 9 14.87 -2.81 -0.86
C ASP A 9 13.54 -2.24 -1.33
N SER A 10 12.45 -2.96 -1.10
CA SER A 10 11.15 -2.56 -1.60
C SER A 10 10.53 -1.46 -0.74
N ARG A 11 10.67 -0.22 -1.20
CA ARG A 11 10.10 0.93 -0.52
C ARG A 11 9.23 1.73 -1.48
N LEU A 12 9.00 1.16 -2.66
CA LEU A 12 8.25 1.83 -3.70
C LEU A 12 6.77 1.41 -3.67
N LEU A 13 6.43 0.62 -2.66
CA LEU A 13 5.08 0.05 -2.54
C LEU A 13 4.00 1.15 -2.55
N TRP A 14 4.18 2.17 -1.72
CA TRP A 14 3.19 3.23 -1.59
C TRP A 14 2.98 3.98 -2.91
N ASP A 15 4.06 4.11 -3.68
CA ASP A 15 4.01 4.81 -4.97
C ASP A 15 3.13 4.05 -5.95
N TYR A 16 3.35 2.74 -6.02
CA TYR A 16 2.58 1.87 -6.91
C TYR A 16 1.14 1.72 -6.44
N VAL A 17 0.97 1.52 -5.14
CA VAL A 17 -0.36 1.33 -4.56
C VAL A 17 -1.21 2.59 -4.70
N TYR A 18 -0.61 3.75 -4.49
CA TYR A 18 -1.34 5.01 -4.58
C TYR A 18 -1.84 5.23 -6.02
N GLN A 19 -1.09 4.72 -7.00
CA GLN A 19 -1.52 4.80 -8.38
C GLN A 19 -2.79 3.97 -8.59
N LEU A 20 -2.81 2.79 -7.99
CA LEU A 20 -3.99 1.92 -8.05
C LEU A 20 -5.15 2.54 -7.29
N LEU A 21 -4.81 3.29 -6.24
CA LEU A 21 -5.81 4.02 -5.46
C LEU A 21 -6.33 5.24 -6.21
N SER A 22 -5.55 5.73 -7.15
CA SER A 22 -5.96 6.86 -7.97
C SER A 22 -6.80 6.36 -9.14
N ASP A 23 -6.32 5.32 -9.80
CA ASP A 23 -7.03 4.73 -10.93
C ASP A 23 -7.64 3.39 -10.54
N SER A 24 -8.54 3.42 -9.56
CA SER A 24 -9.23 2.22 -9.12
C SER A 24 -10.36 1.87 -10.08
N ARG A 25 -10.74 2.84 -10.89
CA ARG A 25 -11.91 2.75 -11.76
C ARG A 25 -11.92 1.51 -12.67
N TYR A 26 -10.77 1.09 -13.17
CA TYR A 26 -10.74 -0.02 -14.12
C TYR A 26 -10.29 -1.33 -13.47
N GLU A 27 -9.65 -1.24 -12.31
CA GLU A 27 -9.15 -2.45 -11.64
C GLU A 27 -10.13 -2.96 -10.60
N ASN A 28 -10.56 -2.08 -9.71
CA ASN A 28 -11.47 -2.44 -8.61
C ASN A 28 -10.91 -3.53 -7.71
N PHE A 29 -9.60 -3.76 -7.76
CA PHE A 29 -8.96 -4.71 -6.85
C PHE A 29 -8.74 -4.06 -5.49
N ILE A 30 -8.71 -2.74 -5.52
CA ILE A 30 -8.53 -1.93 -4.33
C ILE A 30 -9.11 -0.55 -4.57
N ARG A 31 -10.02 -0.11 -3.71
CA ARG A 31 -10.65 1.19 -3.86
C ARG A 31 -11.03 1.79 -2.51
N TRP A 32 -11.29 3.08 -2.50
CA TRP A 32 -11.54 3.82 -1.26
C TRP A 32 -12.98 3.63 -0.79
N GLU A 33 -13.18 3.67 0.52
CA GLU A 33 -14.50 3.79 1.09
C GLU A 33 -14.92 5.24 1.02
N ASP A 34 -14.00 6.11 1.43
CA ASP A 34 -14.16 7.55 1.30
C ASP A 34 -12.81 8.18 1.02
N LYS A 35 -12.76 8.95 -0.06
CA LYS A 35 -11.51 9.55 -0.54
C LYS A 35 -10.91 10.49 0.50
N GLU A 36 -11.70 11.44 0.99
CA GLU A 36 -11.22 12.46 1.89
C GLU A 36 -10.93 11.89 3.28
N SER A 37 -11.64 10.84 3.63
CA SER A 37 -11.45 10.19 4.92
C SER A 37 -10.21 9.30 4.91
N LYS A 38 -9.61 9.12 3.74
CA LYS A 38 -8.36 8.37 3.60
C LYS A 38 -8.54 6.92 4.05
N ILE A 39 -9.72 6.39 3.81
CA ILE A 39 -10.04 5.02 4.17
C ILE A 39 -10.28 4.20 2.91
N PHE A 40 -9.49 3.16 2.72
CA PHE A 40 -9.61 2.31 1.55
C PHE A 40 -9.75 0.85 1.95
N ARG A 41 -10.29 0.04 1.05
CA ARG A 41 -10.54 -1.35 1.34
C ARG A 41 -9.95 -2.25 0.25
N ILE A 42 -9.33 -3.33 0.67
CA ILE A 42 -8.81 -4.33 -0.26
C ILE A 42 -9.95 -5.19 -0.77
N VAL A 43 -10.16 -5.17 -2.08
CA VAL A 43 -11.26 -5.92 -2.67
C VAL A 43 -10.78 -7.30 -3.12
N ASP A 44 -9.70 -7.32 -3.88
CA ASP A 44 -9.14 -8.57 -4.37
C ASP A 44 -7.64 -8.62 -4.13
N PRO A 45 -7.21 -9.54 -3.25
CA PRO A 45 -5.79 -9.69 -2.91
C PRO A 45 -5.00 -10.40 -3.99
N ASN A 46 -5.71 -11.08 -4.89
CA ASN A 46 -5.08 -11.87 -5.93
C ASN A 46 -4.51 -10.97 -7.03
N GLY A 47 -5.36 -10.08 -7.54
CA GLY A 47 -4.93 -9.16 -8.57
C GLY A 47 -3.94 -8.15 -8.04
N LEU A 48 -4.20 -7.65 -6.84
CA LEU A 48 -3.33 -6.66 -6.19
C LEU A 48 -1.91 -7.19 -6.07
N ALA A 49 -1.79 -8.41 -5.58
CA ALA A 49 -0.48 -9.04 -5.40
C ALA A 49 0.18 -9.33 -6.75
N ARG A 50 -0.60 -9.82 -7.69
CA ARG A 50 -0.09 -10.17 -9.01
C ARG A 50 0.40 -8.93 -9.77
N LEU A 51 -0.29 -7.81 -9.60
CA LEU A 51 0.13 -6.56 -10.24
C LEU A 51 1.53 -6.17 -9.76
N TRP A 52 1.72 -6.16 -8.45
CA TRP A 52 3.02 -5.84 -7.86
C TRP A 52 4.06 -6.89 -8.28
N GLY A 53 3.64 -8.15 -8.26
CA GLY A 53 4.52 -9.24 -8.63
C GLY A 53 5.03 -9.09 -10.05
N ASN A 54 4.12 -8.87 -11.00
CA ASN A 54 4.49 -8.71 -12.40
C ASN A 54 5.31 -7.44 -12.61
N HIS A 55 5.10 -6.45 -11.75
CA HIS A 55 5.80 -5.17 -11.86
C HIS A 55 7.29 -5.32 -11.55
N LYS A 56 7.61 -6.14 -10.56
CA LYS A 56 9.01 -6.33 -10.16
C LYS A 56 9.54 -7.68 -10.66
N ASN A 57 8.73 -8.38 -11.47
CA ASN A 57 9.08 -9.71 -11.96
C ASN A 57 9.35 -10.66 -10.80
N ARG A 58 8.57 -10.49 -9.73
CA ARG A 58 8.78 -11.24 -8.51
C ARG A 58 8.14 -12.62 -8.63
N THR A 59 8.94 -13.65 -8.36
CA THR A 59 8.48 -15.02 -8.46
C THR A 59 7.48 -15.36 -7.36
N ASN A 60 6.27 -15.72 -7.75
CA ASN A 60 5.21 -16.14 -6.82
C ASN A 60 4.89 -15.06 -5.80
N MET A 61 4.14 -14.05 -6.22
CA MET A 61 3.72 -12.98 -5.33
C MET A 61 2.26 -13.17 -4.95
N THR A 62 2.01 -13.33 -3.66
CA THR A 62 0.66 -13.49 -3.15
C THR A 62 0.43 -12.55 -1.96
N TYR A 63 -0.80 -12.49 -1.48
CA TYR A 63 -1.17 -11.55 -0.43
C TYR A 63 -0.40 -11.82 0.86
N GLU A 64 -0.14 -13.10 1.13
CA GLU A 64 0.65 -13.49 2.30
C GLU A 64 2.05 -12.90 2.24
N LYS A 65 2.57 -12.76 1.02
CA LYS A 65 3.88 -12.15 0.81
C LYS A 65 3.80 -10.65 1.02
N MET A 66 2.71 -10.07 0.52
CA MET A 66 2.45 -8.64 0.65
C MET A 66 2.25 -8.24 2.11
N SER A 67 1.61 -9.11 2.88
CA SER A 67 1.31 -8.86 4.28
C SER A 67 2.58 -8.49 5.07
N ARG A 68 3.72 -9.06 4.65
CA ARG A 68 5.01 -8.74 5.27
C ARG A 68 5.32 -7.24 5.17
N ALA A 69 5.02 -6.67 4.01
CA ALA A 69 5.30 -5.25 3.76
C ALA A 69 4.33 -4.38 4.55
N LEU A 70 3.06 -4.79 4.57
CA LEU A 70 2.03 -4.05 5.30
C LEU A 70 2.35 -4.01 6.79
N ARG A 71 2.80 -5.14 7.32
CA ARG A 71 3.17 -5.26 8.72
C ARG A 71 4.34 -4.33 9.06
N HIS A 72 5.16 -4.06 8.05
CA HIS A 72 6.33 -3.21 8.21
C HIS A 72 5.95 -1.74 8.39
N TYR A 73 4.84 -1.33 7.77
CA TYR A 73 4.45 0.09 7.75
C TYR A 73 3.72 0.51 9.02
N TYR A 74 3.28 -0.45 9.82
CA TYR A 74 2.55 -0.13 11.05
C TYR A 74 3.43 0.60 12.04
N LYS A 75 4.73 0.35 11.98
CA LYS A 75 5.69 0.96 12.90
C LYS A 75 5.88 2.44 12.62
N LEU A 76 5.54 2.86 11.41
CA LEU A 76 5.77 4.25 11.01
C LEU A 76 4.51 5.10 11.18
N ASN A 77 3.47 4.50 11.75
CA ASN A 77 2.19 5.18 12.00
C ASN A 77 1.59 5.72 10.71
N ILE A 78 1.93 5.10 9.59
CA ILE A 78 1.37 5.47 8.31
C ILE A 78 0.02 4.79 8.11
N ILE A 79 0.03 3.48 8.29
CA ILE A 79 -1.18 2.68 8.11
C ILE A 79 -1.78 2.29 9.46
N ARG A 80 -3.06 2.56 9.62
CA ARG A 80 -3.80 2.12 10.80
C ARG A 80 -4.98 1.27 10.35
N LYS A 81 -5.36 0.31 11.18
CA LYS A 81 -6.49 -0.56 10.86
C LYS A 81 -7.69 -0.19 11.72
N GLU A 82 -8.87 -0.16 11.11
CA GLU A 82 -10.09 0.12 11.84
C GLU A 82 -10.45 -1.07 12.74
N PRO A 83 -11.00 -0.80 13.93
CA PRO A 83 -11.32 -1.84 14.91
C PRO A 83 -12.26 -2.90 14.34
N GLY A 84 -11.77 -4.13 14.28
CA GLY A 84 -12.58 -5.22 13.80
C GLY A 84 -12.50 -5.42 12.29
N GLN A 85 -11.61 -4.67 11.64
CA GLN A 85 -11.45 -4.79 10.19
C GLN A 85 -10.21 -5.60 9.83
N ARG A 86 -10.33 -6.36 8.76
CA ARG A 86 -9.26 -7.24 8.30
C ARG A 86 -8.62 -6.70 7.03
N LEU A 87 -9.44 -6.43 6.02
CA LEU A 87 -8.95 -6.00 4.72
C LEU A 87 -9.21 -4.52 4.50
N LEU A 88 -9.40 -3.77 5.57
CA LEU A 88 -9.65 -2.34 5.46
C LEU A 88 -8.53 -1.57 6.14
N PHE A 89 -8.00 -0.58 5.46
CA PHE A 89 -6.85 0.17 5.95
C PHE A 89 -7.12 1.66 5.90
N ARG A 90 -6.51 2.39 6.81
CA ARG A 90 -6.74 3.81 6.96
C ARG A 90 -5.42 4.56 7.11
N PHE A 91 -5.28 5.66 6.41
CA PHE A 91 -4.09 6.49 6.54
C PHE A 91 -4.17 7.34 7.81
N MET A 92 -3.16 7.21 8.65
CA MET A 92 -3.10 8.00 9.88
C MET A 92 -2.44 9.35 9.60
N LYS A 93 -1.81 9.46 8.46
CA LYS A 93 -1.12 10.69 8.09
C LYS A 93 -2.10 11.68 7.48
N THR A 94 -1.93 12.95 7.80
CA THR A 94 -2.85 13.99 7.35
C THR A 94 -2.35 14.61 6.04
N PRO A 95 -3.28 14.97 5.13
CA PRO A 95 -2.93 15.63 3.86
C PRO A 95 -2.22 16.96 4.10
N ASP A 96 -2.41 17.50 5.30
CA ASP A 96 -1.79 18.76 5.70
C ASP A 96 -0.26 18.68 5.56
N GLU A 97 0.33 17.66 6.16
CA GLU A 97 1.78 17.47 6.12
C GLU A 97 2.22 17.04 4.72
N ILE A 98 1.40 16.20 4.09
CA ILE A 98 1.73 15.61 2.79
C ILE A 98 1.74 16.67 1.69
N MET A 99 0.94 17.72 1.88
CA MET A 99 0.85 18.81 0.91
C MET A 99 2.21 19.49 0.75
N SER A 100 3.00 19.50 1.81
CA SER A 100 4.31 20.12 1.82
C SER A 100 5.35 19.24 1.11
N GLY A 101 4.89 18.10 0.59
CA GLY A 101 5.78 17.21 -0.12
C GLY A 101 5.88 17.55 -1.60
N ARG A 102 4.93 18.34 -2.08
CA ARG A 102 4.92 18.74 -3.48
C ARG A 102 5.49 20.15 -3.62
N GLY A 1 14.46 11.19 -3.05
CA GLY A 1 15.67 12.03 -3.17
C GLY A 1 16.93 11.21 -3.25
N SER A 2 18.00 11.79 -3.78
CA SER A 2 19.26 11.07 -3.92
C SER A 2 20.19 11.41 -2.76
N HIS A 3 20.60 12.68 -2.68
CA HIS A 3 21.48 13.11 -1.61
C HIS A 3 20.69 13.23 -0.30
N MET A 4 19.40 13.53 -0.43
CA MET A 4 18.56 13.75 0.72
C MET A 4 17.68 12.53 0.98
N GLY A 5 17.74 12.03 2.20
CA GLY A 5 16.95 10.88 2.55
C GLY A 5 17.25 10.38 3.94
N ARG A 6 17.13 9.08 4.14
CA ARG A 6 17.37 8.47 5.44
C ARG A 6 17.43 6.96 5.26
N ILE A 7 17.56 6.23 6.36
CA ILE A 7 17.55 4.77 6.30
C ILE A 7 16.13 4.28 6.05
N ALA A 8 15.76 4.17 4.79
CA ALA A 8 14.42 3.77 4.41
C ALA A 8 14.41 2.36 3.83
N ASP A 9 14.35 1.38 4.70
CA ASP A 9 14.23 -0.01 4.27
C ASP A 9 12.77 -0.33 3.97
N SER A 10 12.50 -0.78 2.75
CA SER A 10 11.14 -1.04 2.34
C SER A 10 11.13 -1.92 1.08
N ARG A 11 9.96 -2.08 0.49
CA ARG A 11 9.81 -2.87 -0.71
C ARG A 11 9.22 -1.99 -1.80
N LEU A 12 9.36 -2.38 -3.07
CA LEU A 12 8.89 -1.58 -4.20
C LEU A 12 7.36 -1.45 -4.18
N LEU A 13 6.73 -2.25 -3.34
CA LEU A 13 5.27 -2.28 -3.24
C LEU A 13 4.68 -0.91 -2.90
N TRP A 14 5.34 -0.15 -2.02
CA TRP A 14 4.76 1.12 -1.53
C TRP A 14 4.50 2.09 -2.68
N ASP A 15 5.42 2.13 -3.63
CA ASP A 15 5.30 3.01 -4.78
C ASP A 15 4.21 2.53 -5.72
N TYR A 16 4.10 1.21 -5.85
CA TYR A 16 3.13 0.60 -6.74
C TYR A 16 1.71 0.76 -6.21
N VAL A 17 1.55 0.71 -4.89
CA VAL A 17 0.24 0.77 -4.25
C VAL A 17 -0.52 2.05 -4.61
N TYR A 18 0.13 3.20 -4.44
CA TYR A 18 -0.54 4.48 -4.68
C TYR A 18 -0.87 4.65 -6.16
N GLN A 19 -0.04 4.08 -7.02
CA GLN A 19 -0.30 4.12 -8.46
C GLN A 19 -1.64 3.46 -8.78
N LEU A 20 -1.86 2.27 -8.21
CA LEU A 20 -3.11 1.55 -8.41
C LEU A 20 -4.26 2.31 -7.75
N LEU A 21 -3.98 2.91 -6.61
CA LEU A 21 -4.99 3.69 -5.89
C LEU A 21 -5.38 4.96 -6.65
N SER A 22 -4.50 5.43 -7.51
CA SER A 22 -4.78 6.62 -8.32
C SER A 22 -5.61 6.25 -9.54
N ASP A 23 -5.25 5.16 -10.21
CA ASP A 23 -5.97 4.74 -11.40
C ASP A 23 -6.39 3.28 -11.27
N SER A 24 -7.42 3.05 -10.46
CA SER A 24 -7.91 1.71 -10.16
C SER A 24 -9.09 1.34 -11.05
N ARG A 25 -9.37 2.21 -12.01
CA ARG A 25 -10.59 2.12 -12.81
C ARG A 25 -10.67 0.82 -13.63
N TYR A 26 -9.53 0.19 -13.92
CA TYR A 26 -9.54 -0.95 -14.83
C TYR A 26 -9.54 -2.28 -14.08
N GLU A 27 -8.83 -2.37 -12.97
CA GLU A 27 -8.76 -3.62 -12.22
C GLU A 27 -9.84 -3.66 -11.13
N ASN A 28 -10.08 -2.51 -10.50
CA ASN A 28 -11.12 -2.37 -9.47
C ASN A 28 -10.87 -3.32 -8.28
N PHE A 29 -9.64 -3.78 -8.12
CA PHE A 29 -9.32 -4.73 -7.05
C PHE A 29 -8.92 -3.99 -5.78
N ILE A 30 -8.82 -2.68 -5.88
CA ILE A 30 -8.45 -1.84 -4.75
C ILE A 30 -9.00 -0.43 -4.95
N ARG A 31 -9.58 0.13 -3.90
CA ARG A 31 -10.19 1.46 -4.00
C ARG A 31 -10.10 2.21 -2.66
N TRP A 32 -10.36 3.50 -2.71
CA TRP A 32 -10.35 4.33 -1.50
C TRP A 32 -11.70 4.31 -0.81
N GLU A 33 -11.69 4.36 0.50
CA GLU A 33 -12.90 4.60 1.26
C GLU A 33 -12.96 6.06 1.68
N ASP A 34 -11.78 6.64 1.90
CA ASP A 34 -11.67 8.05 2.23
C ASP A 34 -10.23 8.53 1.99
N LYS A 35 -10.06 9.36 0.97
CA LYS A 35 -8.74 9.86 0.59
C LYS A 35 -8.16 10.77 1.68
N GLU A 36 -9.04 11.49 2.35
CA GLU A 36 -8.64 12.47 3.36
C GLU A 36 -8.10 11.78 4.61
N SER A 37 -8.84 10.79 5.08
CA SER A 37 -8.44 10.03 6.26
C SER A 37 -7.34 9.01 5.90
N LYS A 38 -7.04 8.92 4.61
CA LYS A 38 -6.00 8.03 4.10
C LYS A 38 -6.37 6.56 4.35
N ILE A 39 -7.64 6.26 4.20
CA ILE A 39 -8.15 4.92 4.41
C ILE A 39 -8.63 4.32 3.09
N PHE A 40 -8.04 3.22 2.69
CA PHE A 40 -8.45 2.52 1.48
C PHE A 40 -8.77 1.07 1.78
N ARG A 41 -9.45 0.41 0.86
CA ARG A 41 -9.83 -0.98 1.06
C ARG A 41 -9.36 -1.84 -0.10
N ILE A 42 -8.93 -3.05 0.23
CA ILE A 42 -8.67 -4.06 -0.77
C ILE A 42 -9.99 -4.72 -1.16
N VAL A 43 -10.36 -4.61 -2.43
CA VAL A 43 -11.62 -5.17 -2.89
C VAL A 43 -11.48 -6.66 -3.10
N ASP A 44 -10.36 -7.06 -3.69
CA ASP A 44 -10.09 -8.47 -3.93
C ASP A 44 -8.64 -8.79 -3.61
N PRO A 45 -8.41 -9.56 -2.53
CA PRO A 45 -7.06 -9.95 -2.12
C PRO A 45 -6.36 -10.80 -3.17
N ASN A 46 -7.15 -11.58 -3.91
CA ASN A 46 -6.59 -12.44 -4.93
C ASN A 46 -6.19 -11.62 -6.14
N GLY A 47 -7.10 -10.72 -6.53
CA GLY A 47 -6.84 -9.85 -7.66
C GLY A 47 -5.64 -8.96 -7.45
N LEU A 48 -5.52 -8.39 -6.26
CA LEU A 48 -4.39 -7.52 -5.93
C LEU A 48 -3.08 -8.29 -6.03
N ALA A 49 -3.05 -9.48 -5.43
CA ALA A 49 -1.87 -10.33 -5.48
C ALA A 49 -1.58 -10.79 -6.91
N ARG A 50 -2.65 -11.00 -7.67
CA ARG A 50 -2.53 -11.43 -9.06
C ARG A 50 -1.86 -10.34 -9.89
N LEU A 51 -2.19 -9.09 -9.60
CA LEU A 51 -1.59 -7.96 -10.30
C LEU A 51 -0.07 -7.94 -10.08
N TRP A 52 0.33 -8.11 -8.83
CA TRP A 52 1.74 -8.15 -8.47
C TRP A 52 2.42 -9.34 -9.14
N GLY A 53 1.73 -10.47 -9.15
CA GLY A 53 2.26 -11.68 -9.75
C GLY A 53 2.42 -11.59 -11.25
N ASN A 54 1.38 -11.13 -11.93
CA ASN A 54 1.39 -11.05 -13.39
C ASN A 54 2.40 -10.02 -13.88
N HIS A 55 2.33 -8.82 -13.32
CA HIS A 55 3.10 -7.70 -13.83
C HIS A 55 4.59 -7.85 -13.53
N LYS A 56 4.92 -8.43 -12.38
CA LYS A 56 6.31 -8.56 -11.99
C LYS A 56 6.82 -9.98 -12.18
N ASN A 57 6.04 -10.80 -12.88
CA ASN A 57 6.44 -12.18 -13.19
C ASN A 57 6.78 -12.97 -11.94
N ARG A 58 5.78 -13.14 -11.08
CA ARG A 58 5.96 -13.88 -9.85
C ARG A 58 5.00 -15.06 -9.82
N THR A 59 5.56 -16.27 -9.84
CA THR A 59 4.78 -17.48 -9.86
C THR A 59 4.27 -17.84 -8.47
N ASN A 60 3.09 -18.45 -8.42
CA ASN A 60 2.49 -18.90 -7.16
C ASN A 60 2.23 -17.73 -6.21
N MET A 61 2.14 -16.53 -6.78
CA MET A 61 1.96 -15.33 -5.97
C MET A 61 0.56 -15.29 -5.36
N THR A 62 0.52 -15.47 -4.05
CA THR A 62 -0.72 -15.35 -3.32
C THR A 62 -0.63 -14.19 -2.34
N TYR A 63 -1.77 -13.72 -1.87
CA TYR A 63 -1.83 -12.58 -0.97
C TYR A 63 -1.11 -12.91 0.33
N GLU A 64 -1.05 -14.18 0.65
CA GLU A 64 -0.41 -14.65 1.87
C GLU A 64 1.11 -14.46 1.81
N LYS A 65 1.67 -14.46 0.62
CA LYS A 65 3.08 -14.16 0.45
C LYS A 65 3.31 -12.66 0.65
N MET A 66 2.33 -11.89 0.21
CA MET A 66 2.34 -10.43 0.36
C MET A 66 2.30 -10.05 1.85
N SER A 67 1.52 -10.80 2.62
CA SER A 67 1.35 -10.54 4.05
C SER A 67 2.69 -10.46 4.79
N ARG A 68 3.68 -11.21 4.34
CA ARG A 68 5.01 -11.18 4.94
C ARG A 68 5.65 -9.81 4.73
N ALA A 69 5.45 -9.25 3.55
CA ALA A 69 5.95 -7.92 3.24
C ALA A 69 5.12 -6.86 3.95
N LEU A 70 3.82 -7.10 4.06
CA LEU A 70 2.91 -6.20 4.76
C LEU A 70 3.30 -6.05 6.22
N ARG A 71 3.74 -7.15 6.83
CA ARG A 71 4.16 -7.16 8.21
C ARG A 71 5.34 -6.21 8.42
N HIS A 72 6.16 -6.06 7.40
CA HIS A 72 7.30 -5.16 7.46
C HIS A 72 6.83 -3.71 7.57
N TYR A 73 5.71 -3.41 6.91
CA TYR A 73 5.15 -2.06 6.96
C TYR A 73 4.48 -1.82 8.30
N TYR A 74 3.94 -2.88 8.89
CA TYR A 74 3.31 -2.79 10.21
C TYR A 74 4.38 -2.53 11.27
N LYS A 75 5.54 -3.15 11.08
CA LYS A 75 6.68 -2.97 11.98
C LYS A 75 7.08 -1.49 12.06
N LEU A 76 7.20 -0.86 10.90
CA LEU A 76 7.59 0.55 10.85
C LEU A 76 6.41 1.46 11.13
N ASN A 77 5.25 0.84 11.43
CA ASN A 77 4.04 1.56 11.81
C ASN A 77 3.54 2.44 10.67
N ILE A 78 3.92 2.13 9.45
CA ILE A 78 3.54 2.92 8.29
C ILE A 78 2.10 2.58 7.87
N ILE A 79 1.84 1.29 7.74
CA ILE A 79 0.52 0.83 7.32
C ILE A 79 -0.29 0.39 8.54
N ARG A 80 -1.52 0.85 8.61
CA ARG A 80 -2.41 0.51 9.71
C ARG A 80 -3.56 -0.36 9.23
N LYS A 81 -3.94 -1.32 10.05
CA LYS A 81 -5.19 -2.05 9.85
C LYS A 81 -6.15 -1.64 10.96
N GLU A 82 -7.12 -0.82 10.59
CA GLU A 82 -8.04 -0.26 11.58
C GLU A 82 -8.88 -1.36 12.24
N PRO A 83 -8.90 -1.36 13.59
CA PRO A 83 -9.60 -2.39 14.38
C PRO A 83 -11.08 -2.47 14.03
N GLY A 84 -11.54 -3.67 13.71
CA GLY A 84 -12.93 -3.88 13.36
C GLY A 84 -13.14 -3.94 11.87
N GLN A 85 -12.08 -3.65 11.11
CA GLN A 85 -12.14 -3.70 9.66
C GLN A 85 -11.32 -4.87 9.15
N ARG A 86 -11.81 -5.54 8.12
CA ARG A 86 -11.14 -6.73 7.61
C ARG A 86 -10.13 -6.40 6.52
N LEU A 87 -10.50 -5.52 5.60
CA LEU A 87 -9.69 -5.24 4.43
C LEU A 87 -9.36 -3.75 4.32
N LEU A 88 -9.41 -3.05 5.43
CA LEU A 88 -9.18 -1.62 5.43
C LEU A 88 -7.77 -1.31 5.90
N PHE A 89 -7.06 -0.53 5.08
CA PHE A 89 -5.71 -0.14 5.40
C PHE A 89 -5.61 1.37 5.41
N ARG A 90 -4.92 1.89 6.42
CA ARG A 90 -4.83 3.33 6.62
C ARG A 90 -3.37 3.74 6.72
N PHE A 91 -3.03 4.85 6.09
CA PHE A 91 -1.67 5.38 6.17
C PHE A 91 -1.48 6.13 7.48
N MET A 92 -0.47 5.72 8.26
CA MET A 92 -0.14 6.42 9.49
C MET A 92 0.73 7.63 9.15
N LYS A 93 1.72 7.41 8.30
CA LYS A 93 2.60 8.47 7.86
C LYS A 93 2.42 8.66 6.36
N THR A 94 2.41 9.91 5.92
CA THR A 94 2.13 10.22 4.53
C THR A 94 3.04 11.38 4.07
N PRO A 95 3.24 11.55 2.74
CA PRO A 95 4.05 12.66 2.19
C PRO A 95 3.53 14.06 2.58
N ASP A 96 2.32 14.12 3.11
CA ASP A 96 1.66 15.38 3.48
C ASP A 96 2.53 16.24 4.39
N GLU A 97 3.07 15.65 5.45
CA GLU A 97 3.94 16.36 6.38
C GLU A 97 5.12 17.02 5.67
N ILE A 98 5.60 16.34 4.63
CA ILE A 98 6.77 16.82 3.87
C ILE A 98 6.43 18.09 3.11
N MET A 99 5.15 18.31 2.85
CA MET A 99 4.70 19.50 2.13
C MET A 99 5.02 20.75 2.95
N SER A 100 4.80 20.67 4.25
CA SER A 100 5.11 21.78 5.14
C SER A 100 6.58 21.77 5.53
N GLY A 101 7.09 20.58 5.84
CA GLY A 101 8.44 20.46 6.36
C GLY A 101 8.45 20.62 7.86
N ARG A 102 7.40 20.11 8.50
CA ARG A 102 7.23 20.26 9.93
C ARG A 102 7.78 19.04 10.65
N GLY A 1 24.60 18.39 -2.92
CA GLY A 1 23.66 17.55 -3.71
C GLY A 1 22.60 16.91 -2.85
N SER A 2 21.38 17.40 -2.97
CA SER A 2 20.26 16.87 -2.21
C SER A 2 19.60 15.73 -2.97
N HIS A 3 20.22 14.56 -2.93
CA HIS A 3 19.70 13.40 -3.63
C HIS A 3 19.87 12.16 -2.76
N MET A 4 18.82 11.37 -2.66
CA MET A 4 18.85 10.18 -1.80
C MET A 4 19.39 8.98 -2.55
N GLY A 5 20.60 8.59 -2.21
CA GLY A 5 21.21 7.41 -2.80
C GLY A 5 21.63 6.41 -1.75
N ARG A 6 20.78 6.28 -0.74
CA ARG A 6 21.06 5.40 0.39
C ARG A 6 19.87 4.49 0.66
N ILE A 7 20.16 3.21 0.90
CA ILE A 7 19.12 2.21 1.12
C ILE A 7 18.33 2.51 2.40
N ALA A 8 17.02 2.52 2.28
CA ALA A 8 16.15 2.78 3.42
C ALA A 8 15.46 1.50 3.87
N ASP A 9 15.02 1.46 5.11
CA ASP A 9 14.39 0.29 5.68
C ASP A 9 12.91 0.20 5.29
N SER A 10 12.42 1.23 4.61
CA SER A 10 11.04 1.25 4.17
C SER A 10 10.92 0.59 2.79
N ARG A 11 9.70 0.25 2.40
CA ARG A 11 9.48 -0.44 1.14
C ARG A 11 8.71 0.46 0.18
N LEU A 12 8.86 0.20 -1.12
CA LEU A 12 8.27 1.07 -2.14
C LEU A 12 6.84 0.64 -2.48
N LEU A 13 6.33 -0.35 -1.76
CA LEU A 13 5.01 -0.90 -2.01
C LEU A 13 3.93 0.18 -2.08
N TRP A 14 3.89 1.04 -1.07
CA TRP A 14 2.86 2.08 -0.98
C TRP A 14 2.90 3.03 -2.18
N ASP A 15 4.09 3.29 -2.69
CA ASP A 15 4.28 4.21 -3.80
C ASP A 15 3.64 3.64 -5.07
N TYR A 16 3.84 2.34 -5.29
CA TYR A 16 3.27 1.66 -6.45
C TYR A 16 1.75 1.53 -6.32
N VAL A 17 1.30 1.19 -5.11
CA VAL A 17 -0.12 0.99 -4.85
C VAL A 17 -0.90 2.29 -5.02
N TYR A 18 -0.26 3.41 -4.68
CA TYR A 18 -0.89 4.72 -4.80
C TYR A 18 -1.40 4.98 -6.23
N GLN A 19 -0.65 4.51 -7.22
CA GLN A 19 -1.03 4.67 -8.62
C GLN A 19 -2.36 3.95 -8.86
N LEU A 20 -2.41 2.69 -8.45
CA LEU A 20 -3.60 1.87 -8.66
C LEU A 20 -4.77 2.37 -7.82
N LEU A 21 -4.46 2.93 -6.67
CA LEU A 21 -5.47 3.52 -5.82
C LEU A 21 -6.09 4.76 -6.45
N SER A 22 -5.26 5.60 -7.04
CA SER A 22 -5.71 6.87 -7.59
C SER A 22 -6.53 6.63 -8.86
N ASP A 23 -6.03 5.77 -9.74
CA ASP A 23 -6.76 5.42 -10.93
C ASP A 23 -7.14 3.95 -10.87
N SER A 24 -8.15 3.67 -10.06
CA SER A 24 -8.57 2.29 -9.79
C SER A 24 -9.73 1.89 -10.67
N ARG A 25 -10.16 2.80 -11.55
CA ARG A 25 -11.34 2.60 -12.37
C ARG A 25 -11.22 1.38 -13.28
N TYR A 26 -10.00 1.03 -13.67
CA TYR A 26 -9.79 -0.10 -14.58
C TYR A 26 -9.29 -1.33 -13.83
N GLU A 27 -8.93 -1.15 -12.56
CA GLU A 27 -8.41 -2.25 -11.77
C GLU A 27 -9.53 -2.95 -11.01
N ASN A 28 -10.25 -2.18 -10.19
CA ASN A 28 -11.31 -2.73 -9.34
C ASN A 28 -10.79 -3.81 -8.38
N PHE A 29 -9.50 -3.82 -8.15
CA PHE A 29 -8.90 -4.76 -7.21
C PHE A 29 -8.71 -4.09 -5.86
N ILE A 30 -8.66 -2.76 -5.88
CA ILE A 30 -8.49 -1.96 -4.67
C ILE A 30 -9.05 -0.56 -4.93
N ARG A 31 -9.70 0.03 -3.93
CA ARG A 31 -10.38 1.32 -4.12
C ARG A 31 -10.39 2.16 -2.85
N TRP A 32 -10.54 3.47 -3.02
CA TRP A 32 -10.72 4.39 -1.89
C TRP A 32 -12.18 4.39 -1.46
N GLU A 33 -12.42 4.09 -0.20
CA GLU A 33 -13.77 4.12 0.34
C GLU A 33 -14.05 5.48 0.96
N ASP A 34 -13.01 6.10 1.49
CA ASP A 34 -13.11 7.47 1.98
C ASP A 34 -11.89 8.25 1.53
N LYS A 35 -12.11 9.18 0.63
CA LYS A 35 -11.03 9.92 -0.01
C LYS A 35 -10.27 10.80 0.99
N GLU A 36 -11.00 11.50 1.85
CA GLU A 36 -10.39 12.46 2.76
C GLU A 36 -9.71 11.76 3.94
N SER A 37 -10.39 10.78 4.51
CA SER A 37 -9.86 10.09 5.69
C SER A 37 -8.79 9.08 5.30
N LYS A 38 -8.62 8.89 3.99
CA LYS A 38 -7.57 8.02 3.44
C LYS A 38 -7.84 6.57 3.81
N ILE A 39 -9.10 6.18 3.69
CA ILE A 39 -9.51 4.81 3.98
C ILE A 39 -9.76 4.05 2.68
N PHE A 40 -9.01 3.00 2.45
CA PHE A 40 -9.14 2.22 1.23
C PHE A 40 -9.52 0.77 1.54
N ARG A 41 -10.12 0.10 0.58
CA ARG A 41 -10.55 -1.27 0.76
C ARG A 41 -9.91 -2.19 -0.28
N ILE A 42 -9.45 -3.35 0.19
CA ILE A 42 -9.00 -4.40 -0.72
C ILE A 42 -10.23 -5.09 -1.29
N VAL A 43 -10.38 -5.07 -2.61
CA VAL A 43 -11.52 -5.69 -3.26
C VAL A 43 -11.22 -7.15 -3.60
N ASP A 44 -10.10 -7.36 -4.27
CA ASP A 44 -9.71 -8.71 -4.66
C ASP A 44 -8.25 -8.95 -4.30
N PRO A 45 -8.02 -9.69 -3.20
CA PRO A 45 -6.67 -9.99 -2.71
C PRO A 45 -5.85 -10.82 -3.70
N ASN A 46 -6.53 -11.65 -4.48
CA ASN A 46 -5.86 -12.53 -5.43
C ASN A 46 -5.39 -11.75 -6.65
N GLY A 47 -6.30 -10.93 -7.19
CA GLY A 47 -5.96 -10.12 -8.35
C GLY A 47 -4.85 -9.14 -8.05
N LEU A 48 -4.94 -8.46 -6.91
CA LEU A 48 -3.94 -7.49 -6.51
C LEU A 48 -2.57 -8.16 -6.36
N ALA A 49 -2.57 -9.34 -5.75
CA ALA A 49 -1.34 -10.11 -5.56
C ALA A 49 -0.80 -10.58 -6.90
N ARG A 50 -1.70 -10.98 -7.79
CA ARG A 50 -1.29 -11.46 -9.11
C ARG A 50 -0.62 -10.35 -9.90
N LEU A 51 -1.15 -9.13 -9.78
CA LEU A 51 -0.57 -7.97 -10.45
C LEU A 51 0.87 -7.76 -10.00
N TRP A 52 1.07 -7.75 -8.69
CA TRP A 52 2.40 -7.59 -8.12
C TRP A 52 3.30 -8.74 -8.57
N GLY A 53 2.76 -9.95 -8.55
CA GLY A 53 3.49 -11.12 -8.99
C GLY A 53 3.92 -11.03 -10.44
N ASN A 54 3.00 -10.68 -11.32
CA ASN A 54 3.29 -10.55 -12.74
C ASN A 54 4.26 -9.39 -12.97
N HIS A 55 4.08 -8.31 -12.22
CA HIS A 55 4.91 -7.12 -12.36
C HIS A 55 6.39 -7.45 -12.18
N LYS A 56 6.70 -8.31 -11.23
CA LYS A 56 8.09 -8.69 -10.96
C LYS A 56 8.40 -10.08 -11.51
N ASN A 57 7.49 -10.62 -12.32
CA ASN A 57 7.66 -11.94 -12.95
C ASN A 57 8.00 -13.02 -11.93
N ARG A 58 7.30 -13.01 -10.81
CA ARG A 58 7.56 -13.99 -9.77
C ARG A 58 6.45 -15.04 -9.73
N THR A 59 6.85 -16.28 -9.61
CA THR A 59 5.90 -17.38 -9.54
C THR A 59 5.43 -17.61 -8.11
N ASN A 60 4.13 -17.83 -7.96
CA ASN A 60 3.50 -18.08 -6.66
C ASN A 60 3.59 -16.85 -5.77
N MET A 61 2.73 -15.88 -6.04
CA MET A 61 2.63 -14.69 -5.23
C MET A 61 1.20 -14.50 -4.75
N THR A 62 0.96 -14.80 -3.49
CA THR A 62 -0.37 -14.71 -2.92
C THR A 62 -0.46 -13.49 -1.99
N TYR A 63 -1.68 -13.10 -1.65
CA TYR A 63 -1.93 -11.92 -0.83
C TYR A 63 -1.26 -12.06 0.54
N GLU A 64 -1.15 -13.30 1.02
CA GLU A 64 -0.55 -13.56 2.32
C GLU A 64 0.91 -13.14 2.34
N LYS A 65 1.59 -13.27 1.19
CA LYS A 65 2.98 -12.87 1.08
C LYS A 65 3.09 -11.36 1.13
N MET A 66 2.11 -10.69 0.54
CA MET A 66 2.04 -9.23 0.56
C MET A 66 1.70 -8.75 1.97
N SER A 67 0.81 -9.47 2.64
CA SER A 67 0.40 -9.16 4.00
C SER A 67 1.61 -9.08 4.93
N ARG A 68 2.62 -9.89 4.66
CA ARG A 68 3.84 -9.90 5.44
C ARG A 68 4.56 -8.55 5.34
N ALA A 69 4.50 -7.94 4.17
CA ALA A 69 5.12 -6.65 3.94
C ALA A 69 4.32 -5.54 4.62
N LEU A 70 3.00 -5.69 4.61
CA LEU A 70 2.12 -4.72 5.27
C LEU A 70 2.40 -4.64 6.76
N ARG A 71 2.91 -5.73 7.33
CA ARG A 71 3.23 -5.77 8.75
C ARG A 71 4.28 -4.72 9.10
N HIS A 72 5.15 -4.43 8.15
CA HIS A 72 6.20 -3.43 8.35
C HIS A 72 5.59 -2.03 8.41
N TYR A 73 4.43 -1.88 7.76
CA TYR A 73 3.74 -0.58 7.74
C TYR A 73 2.95 -0.38 9.02
N TYR A 74 2.47 -1.48 9.61
CA TYR A 74 1.77 -1.42 10.90
C TYR A 74 2.75 -0.96 11.99
N LYS A 75 3.97 -1.47 11.89
CA LYS A 75 5.02 -1.15 12.85
C LYS A 75 5.28 0.36 12.93
N LEU A 76 5.21 1.02 11.79
CA LEU A 76 5.50 2.45 11.71
C LEU A 76 4.23 3.28 11.74
N ASN A 77 3.10 2.63 12.03
CA ASN A 77 1.80 3.32 12.13
C ASN A 77 1.42 4.00 10.81
N ILE A 78 1.94 3.47 9.71
CA ILE A 78 1.61 3.98 8.39
C ILE A 78 0.22 3.48 7.99
N ILE A 79 0.03 2.18 8.12
CA ILE A 79 -1.26 1.57 7.81
C ILE A 79 -1.97 1.21 9.11
N ARG A 80 -3.13 1.80 9.33
CA ARG A 80 -3.90 1.55 10.52
C ARG A 80 -5.21 0.85 10.16
N LYS A 81 -5.47 -0.29 10.80
CA LYS A 81 -6.72 -1.01 10.57
C LYS A 81 -7.85 -0.38 11.35
N GLU A 82 -8.98 -0.21 10.69
CA GLU A 82 -10.19 0.26 11.36
C GLU A 82 -10.75 -0.87 12.21
N PRO A 83 -11.15 -0.56 13.47
CA PRO A 83 -11.59 -1.58 14.42
C PRO A 83 -12.73 -2.44 13.89
N GLY A 84 -12.48 -3.74 13.78
CA GLY A 84 -13.50 -4.67 13.33
C GLY A 84 -13.43 -4.96 11.84
N GLN A 85 -12.72 -4.11 11.10
CA GLN A 85 -12.65 -4.25 9.65
C GLN A 85 -11.51 -5.18 9.23
N ARG A 86 -11.69 -5.84 8.11
CA ARG A 86 -10.73 -6.80 7.60
C ARG A 86 -9.91 -6.20 6.46
N LEU A 87 -10.60 -5.80 5.40
CA LEU A 87 -9.94 -5.34 4.19
C LEU A 87 -9.96 -3.82 4.08
N LEU A 88 -10.35 -3.16 5.17
CA LEU A 88 -10.34 -1.70 5.22
C LEU A 88 -9.13 -1.20 5.98
N PHE A 89 -8.36 -0.34 5.34
CA PHE A 89 -7.15 0.19 5.94
C PHE A 89 -7.12 1.70 5.76
N ARG A 90 -6.56 2.40 6.74
CA ARG A 90 -6.47 3.85 6.70
C ARG A 90 -5.05 4.31 7.01
N PHE A 91 -4.60 5.33 6.28
CA PHE A 91 -3.32 5.96 6.58
C PHE A 91 -3.47 6.79 7.86
N MET A 92 -2.70 6.43 8.88
CA MET A 92 -2.85 7.06 10.18
C MET A 92 -2.11 8.40 10.26
N LYS A 93 -0.89 8.44 9.77
CA LYS A 93 -0.09 9.66 9.86
C LYS A 93 -0.34 10.58 8.65
N THR A 94 0.22 11.78 8.71
CA THR A 94 -0.15 12.84 7.78
C THR A 94 0.74 12.86 6.54
N PRO A 95 0.17 13.25 5.39
CA PRO A 95 0.91 13.43 4.14
C PRO A 95 1.92 14.58 4.23
N ASP A 96 1.78 15.38 5.29
CA ASP A 96 2.68 16.51 5.53
C ASP A 96 4.14 16.10 5.43
N GLU A 97 4.48 14.95 6.00
CA GLU A 97 5.85 14.45 5.98
C GLU A 97 6.32 14.26 4.54
N ILE A 98 5.45 13.67 3.73
CA ILE A 98 5.75 13.40 2.33
C ILE A 98 5.97 14.68 1.54
N MET A 99 5.20 15.71 1.88
CA MET A 99 5.30 16.99 1.20
C MET A 99 6.52 17.78 1.69
N SER A 100 6.90 17.55 2.94
CA SER A 100 8.05 18.25 3.51
C SER A 100 9.34 17.76 2.90
N GLY A 101 9.52 16.43 2.84
CA GLY A 101 10.73 15.87 2.28
C GLY A 101 11.95 16.20 3.11
N ARG A 102 11.80 16.12 4.42
CA ARG A 102 12.89 16.44 5.34
C ARG A 102 13.48 15.16 5.91
N GLY A 1 16.27 9.83 -9.69
CA GLY A 1 15.85 9.91 -8.26
C GLY A 1 17.03 10.20 -7.35
N SER A 2 17.42 9.20 -6.57
CA SER A 2 18.54 9.34 -5.65
C SER A 2 19.24 8.00 -5.50
N HIS A 3 20.44 8.02 -4.94
CA HIS A 3 21.22 6.81 -4.76
C HIS A 3 21.02 6.25 -3.35
N MET A 4 20.70 4.97 -3.27
CA MET A 4 20.48 4.31 -2.00
C MET A 4 21.82 3.93 -1.38
N GLY A 5 22.28 4.76 -0.44
CA GLY A 5 23.54 4.51 0.22
C GLY A 5 23.43 3.47 1.30
N ARG A 6 22.62 3.74 2.30
CA ARG A 6 22.40 2.81 3.40
C ARG A 6 21.05 2.12 3.27
N ILE A 7 20.80 1.17 4.15
CA ILE A 7 19.57 0.40 4.11
C ILE A 7 18.39 1.22 4.62
N ALA A 8 17.61 1.76 3.71
CA ALA A 8 16.40 2.49 4.08
C ALA A 8 15.30 1.52 4.51
N ASP A 9 15.46 0.26 4.10
CA ASP A 9 14.53 -0.82 4.46
C ASP A 9 13.10 -0.47 4.03
N SER A 10 13.00 0.20 2.90
CA SER A 10 11.72 0.58 2.35
C SER A 10 11.55 -0.02 0.97
N ARG A 11 10.67 -1.02 0.87
CA ARG A 11 10.40 -1.66 -0.41
C ARG A 11 9.40 -0.83 -1.19
N LEU A 12 9.52 -0.85 -2.52
CA LEU A 12 8.77 0.06 -3.40
C LEU A 12 7.26 -0.21 -3.36
N LEU A 13 6.87 -1.21 -2.60
CA LEU A 13 5.46 -1.60 -2.49
C LEU A 13 4.59 -0.44 -2.04
N TRP A 14 5.09 0.36 -1.08
CA TRP A 14 4.28 1.43 -0.50
C TRP A 14 3.91 2.47 -1.56
N ASP A 15 4.85 2.82 -2.42
CA ASP A 15 4.61 3.80 -3.46
C ASP A 15 3.70 3.21 -4.53
N TYR A 16 3.93 1.94 -4.84
CA TYR A 16 3.13 1.25 -5.87
C TYR A 16 1.66 1.25 -5.48
N VAL A 17 1.38 1.04 -4.20
CA VAL A 17 0.01 1.08 -3.70
C VAL A 17 -0.59 2.46 -3.92
N TYR A 18 0.19 3.50 -3.64
CA TYR A 18 -0.28 4.86 -3.80
C TYR A 18 -0.48 5.20 -5.28
N GLN A 19 0.36 4.60 -6.14
CA GLN A 19 0.19 4.75 -7.58
C GLN A 19 -1.20 4.29 -7.98
N LEU A 20 -1.57 3.10 -7.52
CA LEU A 20 -2.89 2.52 -7.81
C LEU A 20 -3.98 3.42 -7.22
N LEU A 21 -3.77 3.86 -5.99
CA LEU A 21 -4.70 4.74 -5.30
C LEU A 21 -4.89 6.08 -6.02
N SER A 22 -3.92 6.45 -6.84
CA SER A 22 -3.98 7.70 -7.58
C SER A 22 -5.01 7.61 -8.72
N ASP A 23 -5.23 6.40 -9.23
CA ASP A 23 -6.23 6.19 -10.27
C ASP A 23 -6.70 4.74 -10.27
N SER A 24 -7.67 4.46 -9.42
CA SER A 24 -8.12 3.09 -9.20
C SER A 24 -9.34 2.75 -10.04
N ARG A 25 -9.80 3.72 -10.83
CA ARG A 25 -11.04 3.61 -11.59
C ARG A 25 -11.06 2.39 -12.52
N TYR A 26 -9.93 2.07 -13.13
CA TYR A 26 -9.88 1.00 -14.12
C TYR A 26 -9.57 -0.35 -13.47
N GLU A 27 -8.90 -0.34 -12.33
CA GLU A 27 -8.47 -1.56 -11.67
C GLU A 27 -9.59 -2.18 -10.85
N ASN A 28 -10.17 -1.39 -9.95
CA ASN A 28 -11.23 -1.84 -9.06
C ASN A 28 -10.76 -2.98 -8.14
N PHE A 29 -9.45 -3.12 -7.99
CA PHE A 29 -8.89 -4.09 -7.04
C PHE A 29 -8.82 -3.45 -5.66
N ILE A 30 -8.78 -2.13 -5.66
CA ILE A 30 -8.69 -1.34 -4.45
C ILE A 30 -9.27 0.05 -4.72
N ARG A 31 -9.91 0.65 -3.73
CA ARG A 31 -10.41 2.01 -3.87
C ARG A 31 -10.41 2.72 -2.52
N TRP A 32 -10.64 4.02 -2.54
CA TRP A 32 -10.77 4.80 -1.32
C TRP A 32 -12.18 4.67 -0.78
N GLU A 33 -12.30 4.56 0.54
CA GLU A 33 -13.59 4.63 1.19
C GLU A 33 -13.88 6.08 1.53
N ASP A 34 -12.83 6.78 1.91
CA ASP A 34 -12.90 8.22 2.14
C ASP A 34 -11.53 8.82 1.86
N LYS A 35 -11.47 9.62 0.80
CA LYS A 35 -10.21 10.22 0.36
C LYS A 35 -9.61 11.13 1.44
N GLU A 36 -10.45 12.02 1.97
CA GLU A 36 -9.98 13.04 2.90
C GLU A 36 -9.53 12.44 4.23
N SER A 37 -10.18 11.37 4.64
CA SER A 37 -9.83 10.71 5.90
C SER A 37 -8.77 9.63 5.67
N LYS A 38 -8.23 9.60 4.44
CA LYS A 38 -7.19 8.63 4.03
C LYS A 38 -7.57 7.20 4.41
N ILE A 39 -8.74 6.78 3.98
CA ILE A 39 -9.22 5.42 4.22
C ILE A 39 -9.42 4.70 2.90
N PHE A 40 -8.87 3.50 2.78
CA PHE A 40 -8.97 2.74 1.54
C PHE A 40 -9.33 1.28 1.81
N ARG A 41 -9.83 0.61 0.80
CA ARG A 41 -10.35 -0.74 0.95
C ARG A 41 -9.82 -1.67 -0.14
N ILE A 42 -9.36 -2.85 0.27
CA ILE A 42 -8.94 -3.86 -0.67
C ILE A 42 -10.16 -4.68 -1.11
N VAL A 43 -10.27 -4.91 -2.41
CA VAL A 43 -11.36 -5.69 -2.94
C VAL A 43 -10.87 -7.06 -3.38
N ASP A 44 -9.77 -7.07 -4.11
CA ASP A 44 -9.20 -8.32 -4.62
C ASP A 44 -7.76 -8.46 -4.15
N PRO A 45 -7.50 -9.36 -3.19
CA PRO A 45 -6.16 -9.60 -2.64
C PRO A 45 -5.21 -10.19 -3.67
N ASN A 46 -5.75 -11.00 -4.59
CA ASN A 46 -4.93 -11.65 -5.60
C ASN A 46 -4.52 -10.66 -6.67
N GLY A 47 -5.46 -9.81 -7.06
CA GLY A 47 -5.19 -8.83 -8.11
C GLY A 47 -4.03 -7.92 -7.79
N LEU A 48 -3.98 -7.45 -6.55
CA LEU A 48 -2.91 -6.57 -6.12
C LEU A 48 -1.55 -7.28 -6.23
N ALA A 49 -1.50 -8.51 -5.73
CA ALA A 49 -0.27 -9.30 -5.78
C ALA A 49 0.07 -9.69 -7.21
N ARG A 50 -0.97 -9.95 -8.00
CA ARG A 50 -0.81 -10.33 -9.40
C ARG A 50 -0.13 -9.21 -10.17
N LEU A 51 -0.57 -7.97 -9.91
CA LEU A 51 0.02 -6.79 -10.54
C LEU A 51 1.48 -6.64 -10.15
N TRP A 52 1.74 -6.69 -8.85
CA TRP A 52 3.10 -6.54 -8.32
C TRP A 52 4.03 -7.62 -8.86
N GLY A 53 3.55 -8.86 -8.85
CA GLY A 53 4.35 -9.98 -9.31
C GLY A 53 4.74 -9.86 -10.77
N ASN A 54 3.77 -9.53 -11.61
CA ASN A 54 4.03 -9.42 -13.05
C ASN A 54 4.85 -8.17 -13.35
N HIS A 55 4.62 -7.12 -12.57
CA HIS A 55 5.27 -5.84 -12.82
C HIS A 55 6.78 -5.95 -12.63
N LYS A 56 7.19 -6.73 -11.63
CA LYS A 56 8.62 -6.90 -11.37
C LYS A 56 9.11 -8.22 -11.95
N ASN A 57 8.22 -8.91 -12.69
CA ASN A 57 8.56 -10.15 -13.38
C ASN A 57 9.14 -11.19 -12.42
N ARG A 58 8.34 -11.60 -11.44
CA ARG A 58 8.77 -12.64 -10.50
C ARG A 58 7.76 -13.78 -10.46
N THR A 59 8.27 -15.00 -10.34
CA THR A 59 7.44 -16.18 -10.32
C THR A 59 6.76 -16.36 -8.96
N ASN A 60 5.46 -16.60 -8.98
CA ASN A 60 4.68 -16.92 -7.78
C ASN A 60 4.73 -15.80 -6.74
N MET A 61 3.98 -14.74 -6.98
CA MET A 61 3.87 -13.66 -6.00
C MET A 61 2.49 -13.67 -5.38
N THR A 62 2.39 -14.19 -4.17
CA THR A 62 1.12 -14.26 -3.48
C THR A 62 0.98 -13.08 -2.50
N TYR A 63 -0.25 -12.78 -2.13
CA TYR A 63 -0.54 -11.68 -1.22
C TYR A 63 0.10 -11.93 0.15
N GLU A 64 0.34 -13.20 0.47
CA GLU A 64 0.96 -13.55 1.74
C GLU A 64 2.40 -13.06 1.79
N LYS A 65 3.09 -13.09 0.65
CA LYS A 65 4.44 -12.53 0.57
C LYS A 65 4.38 -11.03 0.78
N MET A 66 3.37 -10.41 0.16
CA MET A 66 3.13 -8.98 0.30
C MET A 66 2.84 -8.63 1.76
N SER A 67 2.11 -9.53 2.43
CA SER A 67 1.72 -9.34 3.82
C SER A 67 2.93 -9.08 4.73
N ARG A 68 4.06 -9.74 4.43
CA ARG A 68 5.26 -9.56 5.25
C ARG A 68 5.82 -8.15 5.07
N ALA A 69 5.73 -7.62 3.86
CA ALA A 69 6.16 -6.25 3.58
C ALA A 69 5.23 -5.26 4.27
N LEU A 70 3.94 -5.60 4.28
CA LEU A 70 2.93 -4.76 4.93
C LEU A 70 3.16 -4.69 6.44
N ARG A 71 3.59 -5.80 7.03
CA ARG A 71 3.88 -5.86 8.46
C ARG A 71 4.87 -4.78 8.87
N HIS A 72 5.85 -4.55 8.00
CA HIS A 72 6.90 -3.58 8.25
C HIS A 72 6.31 -2.17 8.36
N TYR A 73 5.21 -1.94 7.67
CA TYR A 73 4.60 -0.62 7.65
C TYR A 73 3.59 -0.47 8.77
N TYR A 74 3.17 -1.58 9.34
CA TYR A 74 2.33 -1.54 10.54
C TYR A 74 3.21 -1.22 11.75
N LYS A 75 4.38 -1.85 11.78
CA LYS A 75 5.33 -1.68 12.87
C LYS A 75 5.99 -0.30 12.81
N LEU A 76 6.11 0.24 11.60
CA LEU A 76 6.72 1.56 11.42
C LEU A 76 5.68 2.65 11.57
N ASN A 77 4.44 2.25 11.83
CA ASN A 77 3.33 3.18 12.06
C ASN A 77 3.05 4.03 10.82
N ILE A 78 3.01 3.38 9.66
CA ILE A 78 2.63 4.05 8.43
C ILE A 78 1.19 3.71 8.08
N ILE A 79 0.85 2.44 8.20
CA ILE A 79 -0.50 1.97 7.91
C ILE A 79 -1.12 1.37 9.17
N ARG A 80 -2.38 1.69 9.41
CA ARG A 80 -3.10 1.15 10.55
C ARG A 80 -4.40 0.50 10.10
N LYS A 81 -4.86 -0.47 10.86
CA LYS A 81 -6.17 -1.05 10.62
C LYS A 81 -7.13 -0.61 11.72
N GLU A 82 -8.38 -0.39 11.36
CA GLU A 82 -9.39 -0.08 12.35
C GLU A 82 -10.06 -1.36 12.82
N PRO A 83 -10.08 -1.58 14.15
CA PRO A 83 -10.59 -2.82 14.76
C PRO A 83 -11.98 -3.21 14.26
N GLY A 84 -12.12 -4.47 13.88
CA GLY A 84 -13.40 -4.98 13.40
C GLY A 84 -13.44 -5.10 11.91
N GLN A 85 -12.53 -4.41 11.23
CA GLN A 85 -12.48 -4.43 9.78
C GLN A 85 -11.41 -5.40 9.29
N ARG A 86 -11.83 -6.41 8.54
CA ARG A 86 -10.94 -7.44 8.06
C ARG A 86 -9.98 -6.90 7.00
N LEU A 87 -10.53 -6.38 5.91
CA LEU A 87 -9.73 -6.02 4.74
C LEU A 87 -9.73 -4.51 4.54
N LEU A 88 -10.00 -3.78 5.61
CA LEU A 88 -10.04 -2.32 5.56
C LEU A 88 -8.73 -1.77 6.14
N PHE A 89 -8.12 -0.82 5.44
CA PHE A 89 -6.86 -0.24 5.88
C PHE A 89 -6.93 1.28 5.85
N ARG A 90 -6.16 1.92 6.71
CA ARG A 90 -6.17 3.36 6.83
C ARG A 90 -4.76 3.89 7.07
N PHE A 91 -4.48 5.09 6.58
CA PHE A 91 -3.16 5.69 6.77
C PHE A 91 -2.99 6.23 8.19
N MET A 92 -1.80 6.02 8.74
CA MET A 92 -1.43 6.58 10.02
C MET A 92 -0.67 7.88 9.78
N LYS A 93 0.18 7.86 8.76
CA LYS A 93 0.85 9.07 8.29
C LYS A 93 -0.04 9.76 7.27
N THR A 94 -0.09 11.08 7.30
CA THR A 94 -0.98 11.80 6.40
C THR A 94 -0.20 12.57 5.35
N PRO A 95 -0.69 12.56 4.10
CA PRO A 95 -0.07 13.28 2.97
C PRO A 95 -0.13 14.79 3.15
N ASP A 96 -0.99 15.25 4.06
CA ASP A 96 -1.13 16.68 4.34
C ASP A 96 0.21 17.30 4.71
N GLU A 97 1.00 16.54 5.48
CA GLU A 97 2.30 17.01 5.94
C GLU A 97 3.28 17.08 4.77
N ILE A 98 3.15 16.13 3.85
CA ILE A 98 4.05 16.02 2.71
C ILE A 98 3.81 17.17 1.73
N MET A 99 2.60 17.72 1.77
CA MET A 99 2.24 18.84 0.89
C MET A 99 3.13 20.05 1.14
N SER A 100 3.39 20.34 2.40
CA SER A 100 4.24 21.46 2.77
C SER A 100 5.69 21.03 2.87
N GLY A 101 5.91 19.74 3.07
CA GLY A 101 7.25 19.20 3.13
C GLY A 101 7.89 19.06 1.76
N ARG A 102 8.72 20.02 1.40
CA ARG A 102 9.40 20.01 0.11
C ARG A 102 10.79 19.40 0.26
#